data_5DSG
#
_entry.id   5DSG
#
_cell.length_a   48.490
_cell.length_b   172.040
_cell.length_c   60.660
_cell.angle_alpha   90.000
_cell.angle_beta   94.370
_cell.angle_gamma   90.000
#
_symmetry.space_group_name_H-M   'P 1 21 1'
#
loop_
_entity.id
_entity.type
_entity.pdbx_description
1 polymer 'Muscarinic acetylcholine receptor M4,Endolysin,Endolysin,Muscarinic acetylcholine receptor M4'
2 non-polymer (1R,2R,4S,5S,7S)-7-{[hydroxy(dithiophen-2-yl)acetyl]oxy}-9,9-dimethyl-3-oxa-9-azoniatricyclo[3.3.1.0~2,4~]nonane
3 non-polymer 'OLEIC ACID'
4 non-polymer '{[-(BIS-CARBOXYMETHYL-AMINO)-ETHYL]-CARBOXYMETHYL-AMINO}-ACETIC ACID'
5 non-polymer 'HEXAETHYLENE GLYCOL'
6 non-polymer '(2R)-2,3-dihydroxypropyl (9Z)-octadec-9-enoate'
7 non-polymer 1-(2-METHOXY-ETHOXY)-2-{2-[2-(2-METHOXY-ETHOXY]-ETHOXY}-ETHANE
8 water water
#
_entity_poly.entity_id   1
_entity_poly.type   'polypeptide(L)'
_entity_poly.pdbx_seq_one_letter_code
;GPSSHNRYETVEMVFIATVTGSLSLVTVVGNILVMLSIKVNRQLQTVNNYFLFSLACADLIIGAFSMNLYTVYIIKGYWP
LGAVVCDLWLALDYVVSNASVMNLLIISFDRYFCVTKPLTYPARRTTKMAGLMIAAAWVLSFVLWAPAILFWQFVVGKRT
VPDNQCFIQFLSNPAVTFGTAIAAFYLPVVIMTVLYIHISLASRSRVNIFEMLRIDEGGGSGGDEAEKLFNQDVDAAVRG
ILRNAKLKPVYDSLDAVRRAALINMVFQMGETGVAGFTNSLRMLQQKRWDEAAVNLAKSRWYNQTPNRAKRVITTFRTGT
WDAYQMAARERKVTRTIFAILLAFILTWTPYNVMVLVNTFCQSCIPDTVWSIGYWLCYVNSTINPACYALCNATFKKTFR
HLLLCQYRNIGTARHHHHHHHH
;
_entity_poly.pdbx_strand_id   A,B
#
loop_
_chem_comp.id
_chem_comp.type
_chem_comp.name
_chem_comp.formula
0HK non-polymer (1R,2R,4S,5S,7S)-7-{[hydroxy(dithiophen-2-yl)acetyl]oxy}-9,9-dimethyl-3-oxa-9-azoniatricyclo[3.3.1.0~2,4~]nonane 'C19 H22 N O4 S2 1'
EDT non-polymer '{[-(BIS-CARBOXYMETHYL-AMINO)-ETHYL]-CARBOXYMETHYL-AMINO}-ACETIC ACID' 'C10 H16 N2 O8'
OLA non-polymer 'OLEIC ACID' 'C18 H34 O2'
OLC non-polymer '(2R)-2,3-dihydroxypropyl (9Z)-octadec-9-enoate' 'C21 H40 O4'
P6G non-polymer 'HEXAETHYLENE GLYCOL' 'C12 H26 O7'
PG6 non-polymer 1-(2-METHOXY-ETHOXY)-2-{2-[2-(2-METHOXY-ETHOXY]-ETHOXY}-ETHANE 'C12 H26 O6'
#
# COMPACT_ATOMS: atom_id res chain seq x y z
N GLY A 1 9.40 43.60 -2.59
CA GLY A 1 8.25 44.12 -3.30
C GLY A 1 6.95 43.82 -2.60
N PRO A 2 5.84 44.36 -3.11
CA PRO A 2 4.51 44.14 -2.54
C PRO A 2 4.03 42.70 -2.77
N SER A 3 4.74 41.96 -3.62
CA SER A 3 4.40 40.57 -3.91
C SER A 3 5.10 39.61 -2.95
N SER A 4 6.06 40.14 -2.19
CA SER A 4 6.78 39.32 -1.21
C SER A 4 5.86 38.91 -0.07
N HIS A 5 6.28 37.91 0.69
CA HIS A 5 5.52 37.44 1.85
C HIS A 5 5.54 38.47 2.97
N ASN A 6 4.39 38.70 3.59
CA ASN A 6 4.31 39.61 4.72
C ASN A 6 4.92 38.97 5.96
N ARG A 7 5.13 39.78 6.99
CA ARG A 7 5.81 39.34 8.21
C ARG A 7 5.10 38.18 8.92
N TYR A 8 3.79 38.30 9.07
CA TYR A 8 3.00 37.27 9.75
C TYR A 8 3.07 35.94 9.02
N GLU A 9 3.01 36.00 7.69
CA GLU A 9 3.10 34.79 6.87
C GLU A 9 4.43 34.09 7.07
N THR A 10 5.50 34.87 7.02
CA THR A 10 6.85 34.35 7.18
C THR A 10 7.06 33.72 8.55
N VAL A 11 6.70 34.45 9.61
CA VAL A 11 6.86 33.94 10.96
C VAL A 11 6.04 32.67 11.18
N GLU A 12 4.79 32.70 10.73
CA GLU A 12 3.91 31.54 10.84
C GLU A 12 4.48 30.31 10.14
N MET A 13 4.91 30.49 8.90
CA MET A 13 5.39 29.37 8.10
C MET A 13 6.74 28.85 8.58
N VAL A 14 7.58 29.73 9.11
CA VAL A 14 8.87 29.31 9.65
C VAL A 14 8.65 28.53 10.95
N PHE A 15 7.72 29.01 11.77
CA PHE A 15 7.37 28.31 13.00
C PHE A 15 6.83 26.92 12.69
N ILE A 16 5.87 26.85 11.78
CA ILE A 16 5.26 25.58 11.37
C ILE A 16 6.30 24.63 10.81
N ALA A 17 7.13 25.11 9.88
CA ALA A 17 8.17 24.28 9.27
C ALA A 17 9.15 23.76 10.31
N THR A 18 9.51 24.61 11.27
CA THR A 18 10.43 24.21 12.33
C THR A 18 9.84 23.12 13.21
N VAL A 19 8.67 23.38 13.76
CA VAL A 19 8.01 22.43 14.64
C VAL A 19 7.74 21.09 13.97
N THR A 20 7.08 21.15 12.82
CA THR A 20 6.70 19.95 12.09
C THR A 20 7.90 19.18 11.55
N GLY A 21 8.93 19.91 11.11
CA GLY A 21 10.15 19.28 10.65
C GLY A 21 10.84 18.55 11.78
N SER A 22 10.88 19.21 12.94
CA SER A 22 11.46 18.61 14.14
C SER A 22 10.73 17.33 14.52
N LEU A 23 9.40 17.39 14.55
CA LEU A 23 8.59 16.22 14.85
C LEU A 23 8.82 15.09 13.85
N SER A 24 8.99 15.46 12.59
CA SER A 24 9.27 14.51 11.53
C SER A 24 10.59 13.76 11.80
N LEU A 25 11.64 14.54 12.05
CA LEU A 25 12.96 13.97 12.31
C LEU A 25 12.92 13.06 13.55
N VAL A 26 12.31 13.55 14.63
CA VAL A 26 12.21 12.79 15.86
C VAL A 26 11.45 11.48 15.65
N THR A 27 10.37 11.54 14.88
CA THR A 27 9.58 10.35 14.57
C THR A 27 10.40 9.32 13.81
N VAL A 28 11.02 9.76 12.71
CA VAL A 28 11.83 8.88 11.87
C VAL A 28 12.95 8.23 12.67
N VAL A 29 13.79 9.06 13.30
CA VAL A 29 14.92 8.58 14.08
C VAL A 29 14.46 7.63 15.19
N GLY A 30 13.40 8.00 15.89
CA GLY A 30 12.87 7.19 16.97
C GLY A 30 12.43 5.81 16.53
N ASN A 31 11.59 5.75 15.50
CA ASN A 31 11.09 4.46 15.03
C ASN A 31 12.19 3.61 14.40
N ILE A 32 13.16 4.27 13.77
CA ILE A 32 14.34 3.57 13.27
C ILE A 32 15.09 2.92 14.42
N LEU A 33 15.23 3.66 15.51
CA LEU A 33 15.89 3.17 16.71
C LEU A 33 15.15 1.96 17.29
N VAL A 34 13.82 2.02 17.28
CA VAL A 34 13.00 0.91 17.76
C VAL A 34 13.22 -0.34 16.92
N MET A 35 13.08 -0.19 15.60
CA MET A 35 13.25 -1.30 14.67
C MET A 35 14.64 -1.93 14.80
N LEU A 36 15.66 -1.07 14.85
CA LEU A 36 17.04 -1.53 15.02
C LEU A 36 17.20 -2.26 16.34
N SER A 37 16.56 -1.75 17.39
CA SER A 37 16.61 -2.38 18.71
C SER A 37 16.05 -3.79 18.65
N ILE A 38 14.92 -3.96 17.96
CA ILE A 38 14.34 -5.28 17.79
C ILE A 38 15.26 -6.18 16.96
N LYS A 39 15.94 -5.59 15.98
CA LYS A 39 16.84 -6.35 15.10
C LYS A 39 18.09 -6.88 15.80
N VAL A 40 18.71 -6.04 16.62
CA VAL A 40 20.02 -6.37 17.21
C VAL A 40 19.92 -7.17 18.50
N ASN A 41 18.91 -6.86 19.32
CA ASN A 41 18.77 -7.52 20.61
C ASN A 41 18.04 -8.86 20.49
N ARG A 42 18.72 -9.94 20.88
CA ARG A 42 18.14 -11.27 20.82
C ARG A 42 17.00 -11.44 21.82
N GLN A 43 17.10 -10.72 22.94
CA GLN A 43 16.08 -10.79 23.99
C GLN A 43 14.82 -10.04 23.60
N LEU A 44 14.91 -9.22 22.56
CA LEU A 44 13.77 -8.44 22.09
C LEU A 44 13.18 -8.99 20.80
N GLN A 45 13.37 -10.28 20.55
CA GLN A 45 12.85 -10.90 19.34
C GLN A 45 11.73 -11.88 19.65
N THR A 46 10.63 -11.36 20.20
CA THR A 46 9.44 -12.15 20.49
C THR A 46 8.27 -11.69 19.62
N VAL A 47 7.22 -12.50 19.56
CA VAL A 47 6.03 -12.23 18.76
C VAL A 47 5.47 -10.83 19.00
N ASN A 48 5.36 -10.45 20.26
CA ASN A 48 4.91 -9.13 20.64
C ASN A 48 5.75 -8.05 19.97
N ASN A 49 7.05 -8.32 19.86
CA ASN A 49 7.97 -7.38 19.25
C ASN A 49 7.96 -7.48 17.72
N TYR A 50 7.40 -8.56 17.18
CA TYR A 50 7.11 -8.62 15.76
C TYR A 50 6.00 -7.63 15.47
N PHE A 51 4.96 -7.68 16.31
CA PHE A 51 3.84 -6.74 16.19
C PHE A 51 4.33 -5.30 16.37
N LEU A 52 5.11 -5.06 17.42
CA LEU A 52 5.67 -3.75 17.68
C LEU A 52 6.57 -3.28 16.54
N PHE A 53 7.23 -4.23 15.88
CA PHE A 53 8.06 -3.91 14.73
C PHE A 53 7.20 -3.41 13.59
N SER A 54 6.09 -4.11 13.34
CA SER A 54 5.13 -3.69 12.32
C SER A 54 4.61 -2.27 12.59
N LEU A 55 4.19 -2.04 13.83
CA LEU A 55 3.69 -0.74 14.24
C LEU A 55 4.76 0.34 14.06
N ALA A 56 6.01 -0.02 14.33
CA ALA A 56 7.13 0.91 14.18
C ALA A 56 7.36 1.23 12.71
N CYS A 57 7.12 0.25 11.84
CA CYS A 57 7.23 0.46 10.40
C CYS A 57 6.17 1.46 9.95
N ALA A 58 4.94 1.23 10.40
CA ALA A 58 3.84 2.15 10.08
C ALA A 58 4.14 3.57 10.54
N ASP A 59 4.59 3.69 11.78
CA ASP A 59 4.93 4.99 12.36
C ASP A 59 6.08 5.66 11.60
N LEU A 60 7.00 4.84 11.09
CA LEU A 60 8.12 5.35 10.30
C LEU A 60 7.63 5.92 8.99
N ILE A 61 6.75 5.18 8.31
CA ILE A 61 6.16 5.64 7.05
C ILE A 61 5.40 6.94 7.25
N ILE A 62 4.65 7.01 8.36
CA ILE A 62 3.90 8.22 8.68
C ILE A 62 4.83 9.40 8.95
N GLY A 63 5.90 9.16 9.69
CA GLY A 63 6.83 10.20 10.05
C GLY A 63 7.68 10.71 8.89
N ALA A 64 7.93 9.84 7.92
CA ALA A 64 8.81 10.18 6.81
C ALA A 64 8.08 10.88 5.67
N PHE A 65 6.94 10.33 5.27
CA PHE A 65 6.23 10.83 4.09
C PHE A 65 5.02 11.69 4.43
N SER A 66 4.12 11.15 5.26
CA SER A 66 2.85 11.80 5.56
C SER A 66 3.02 13.20 6.14
N MET A 67 3.82 13.31 7.19
CA MET A 67 4.05 14.59 7.86
C MET A 67 4.54 15.66 6.89
N ASN A 68 5.63 15.36 6.17
CA ASN A 68 6.23 16.33 5.25
C ASN A 68 5.29 16.79 4.15
N LEU A 69 4.59 15.84 3.53
CA LEU A 69 3.62 16.16 2.48
C LEU A 69 2.50 17.04 3.02
N TYR A 70 1.98 16.67 4.18
CA TYR A 70 0.92 17.45 4.80
C TYR A 70 1.38 18.87 5.14
N THR A 71 2.65 19.00 5.53
CA THR A 71 3.21 20.31 5.82
C THR A 71 3.39 21.12 4.56
N VAL A 72 3.67 20.44 3.45
CA VAL A 72 3.70 21.12 2.16
C VAL A 72 2.33 21.70 1.88
N TYR A 73 1.30 20.88 2.08
CA TYR A 73 -0.08 21.32 1.92
C TYR A 73 -0.40 22.53 2.80
N ILE A 74 0.00 22.47 4.06
CA ILE A 74 -0.29 23.54 5.02
C ILE A 74 0.42 24.84 4.66
N ILE A 75 1.73 24.77 4.46
CA ILE A 75 2.55 25.94 4.18
C ILE A 75 2.17 26.59 2.85
N LYS A 76 1.96 25.78 1.82
CA LYS A 76 1.63 26.33 0.51
C LYS A 76 0.24 26.96 0.49
N GLY A 77 -0.64 26.49 1.36
CA GLY A 77 -2.00 27.00 1.42
C GLY A 77 -2.91 26.30 0.42
N TYR A 78 -2.31 25.44 -0.40
CA TYR A 78 -3.05 24.65 -1.38
C TYR A 78 -2.19 23.46 -1.78
N TRP A 79 -2.72 22.61 -2.66
CA TRP A 79 -1.98 21.43 -3.11
C TRP A 79 -1.26 21.68 -4.43
N PRO A 80 0.08 21.72 -4.39
CA PRO A 80 0.90 22.03 -5.56
C PRO A 80 1.52 20.81 -6.24
N LEU A 81 1.16 19.61 -5.80
CA LEU A 81 1.82 18.41 -6.27
C LEU A 81 0.99 17.63 -7.29
N GLY A 82 -0.25 18.05 -7.50
CA GLY A 82 -1.09 17.43 -8.51
C GLY A 82 -2.04 16.37 -7.95
N ALA A 83 -2.99 15.95 -8.78
CA ALA A 83 -4.03 15.01 -8.36
C ALA A 83 -3.49 13.60 -8.11
N VAL A 84 -2.52 13.19 -8.93
CA VAL A 84 -1.94 11.86 -8.80
C VAL A 84 -1.23 11.68 -7.46
N VAL A 85 -0.30 12.59 -7.16
CA VAL A 85 0.42 12.58 -5.89
C VAL A 85 -0.56 12.72 -4.73
N CYS A 86 -1.63 13.45 -4.96
CA CYS A 86 -2.70 13.59 -3.97
C CYS A 86 -3.29 12.22 -3.65
N ASP A 87 -3.67 11.48 -4.69
CA ASP A 87 -4.23 10.14 -4.54
C ASP A 87 -3.27 9.21 -3.81
N LEU A 88 -2.02 9.21 -4.25
CA LEU A 88 -0.98 8.37 -3.65
C LEU A 88 -0.82 8.67 -2.16
N TRP A 89 -0.78 9.96 -1.82
CA TRP A 89 -0.60 10.38 -0.45
C TRP A 89 -1.78 9.99 0.43
N LEU A 90 -3.00 10.22 -0.06
CA LEU A 90 -4.20 9.86 0.69
C LEU A 90 -4.25 8.36 0.94
N ALA A 91 -4.01 7.59 -0.12
CA ALA A 91 -3.98 6.13 -0.03
C ALA A 91 -2.97 5.68 1.01
N LEU A 92 -1.75 6.18 0.90
CA LEU A 92 -0.69 5.87 1.85
C LEU A 92 -1.12 6.16 3.29
N ASP A 93 -1.55 7.39 3.51
CA ASP A 93 -2.02 7.84 4.82
C ASP A 93 -3.04 6.89 5.43
N TYR A 94 -4.16 6.71 4.75
CA TYR A 94 -5.27 5.97 5.33
C TYR A 94 -5.00 4.46 5.43
N VAL A 95 -4.31 3.90 4.44
CA VAL A 95 -3.96 2.48 4.50
C VAL A 95 -3.00 2.20 5.66
N VAL A 96 -1.95 3.01 5.78
CA VAL A 96 -0.96 2.81 6.84
C VAL A 96 -1.58 3.04 8.22
N SER A 97 -2.39 4.08 8.35
CA SER A 97 -3.06 4.37 9.62
C SER A 97 -4.01 3.25 10.04
N ASN A 98 -4.82 2.78 9.09
CA ASN A 98 -5.73 1.67 9.33
C ASN A 98 -4.96 0.43 9.75
N ALA A 99 -3.82 0.21 9.09
CA ALA A 99 -2.94 -0.90 9.42
C ALA A 99 -2.42 -0.77 10.85
N SER A 100 -2.19 0.47 11.27
CA SER A 100 -1.75 0.73 12.64
C SER A 100 -2.84 0.37 13.64
N VAL A 101 -4.07 0.80 13.35
CA VAL A 101 -5.21 0.49 14.20
C VAL A 101 -5.40 -1.03 14.34
N MET A 102 -5.46 -1.72 13.21
CA MET A 102 -5.62 -3.17 13.22
C MET A 102 -4.44 -3.85 13.92
N ASN A 103 -3.27 -3.25 13.82
CA ASN A 103 -2.09 -3.75 14.53
C ASN A 103 -2.31 -3.68 16.03
N LEU A 104 -2.83 -2.55 16.49
CA LEU A 104 -3.14 -2.38 17.91
C LEU A 104 -4.19 -3.39 18.35
N LEU A 105 -5.16 -3.65 17.48
CA LEU A 105 -6.17 -4.67 17.75
C LEU A 105 -5.55 -6.06 17.95
N ILE A 106 -4.67 -6.44 17.03
CA ILE A 106 -3.97 -7.72 17.10
C ILE A 106 -3.17 -7.83 18.40
N ILE A 107 -2.44 -6.77 18.73
CA ILE A 107 -1.67 -6.73 19.96
C ILE A 107 -2.55 -6.93 21.20
N SER A 108 -3.65 -6.17 21.26
CA SER A 108 -4.57 -6.22 22.38
C SER A 108 -5.18 -7.61 22.56
N PHE A 109 -5.67 -8.19 21.46
CA PHE A 109 -6.24 -9.53 21.50
C PHE A 109 -5.19 -10.56 21.91
N ASP A 110 -3.96 -10.36 21.44
CA ASP A 110 -2.86 -11.26 21.76
C ASP A 110 -2.59 -11.27 23.27
N ARG A 111 -2.50 -10.09 23.86
CA ARG A 111 -2.29 -10.00 25.30
C ARG A 111 -3.46 -10.60 26.06
N TYR A 112 -4.67 -10.29 25.61
CA TYR A 112 -5.89 -10.81 26.24
C TYR A 112 -5.90 -12.34 26.28
N PHE A 113 -5.65 -12.96 25.13
CA PHE A 113 -5.60 -14.42 25.06
C PHE A 113 -4.42 -14.98 25.84
N CYS A 114 -3.35 -14.21 25.93
CA CYS A 114 -2.18 -14.62 26.70
C CYS A 114 -2.51 -14.74 28.20
N VAL A 115 -3.24 -13.76 28.73
CA VAL A 115 -3.52 -13.77 30.17
C VAL A 115 -4.77 -14.56 30.53
N THR A 116 -5.68 -14.74 29.56
CA THR A 116 -6.91 -15.47 29.82
C THR A 116 -6.82 -16.96 29.49
N LYS A 117 -6.01 -17.30 28.49
CA LYS A 117 -5.82 -18.69 28.11
C LYS A 117 -4.34 -19.06 28.12
N PRO A 118 -3.75 -19.17 29.31
CA PRO A 118 -2.29 -19.33 29.44
C PRO A 118 -1.82 -20.78 29.25
N LEU A 119 -2.74 -21.68 28.92
CA LEU A 119 -2.38 -23.08 28.74
C LEU A 119 -2.45 -23.50 27.27
N THR A 120 -3.41 -22.97 26.53
CA THR A 120 -3.62 -23.36 25.15
C THR A 120 -3.09 -22.34 24.15
N TYR A 121 -3.28 -21.06 24.44
CA TYR A 121 -2.90 -19.99 23.52
C TYR A 121 -1.38 -19.81 23.31
N PRO A 122 -0.58 -19.79 24.40
CA PRO A 122 0.86 -19.60 24.17
C PRO A 122 1.50 -20.68 23.32
N ALA A 123 0.95 -21.88 23.36
CA ALA A 123 1.45 -22.99 22.55
C ALA A 123 1.17 -22.75 21.06
N ARG A 124 0.05 -22.10 20.77
CA ARG A 124 -0.34 -21.82 19.40
C ARG A 124 0.08 -20.42 18.96
N ARG A 125 0.97 -19.80 19.73
CA ARG A 125 1.43 -18.45 19.42
C ARG A 125 2.79 -18.49 18.72
N THR A 126 2.78 -18.90 17.46
CA THR A 126 4.01 -19.01 16.68
C THR A 126 4.32 -17.73 15.94
N THR A 127 5.53 -17.64 15.39
CA THR A 127 5.93 -16.47 14.61
C THR A 127 5.22 -16.48 13.27
N LYS A 128 4.88 -17.67 12.80
CA LYS A 128 4.13 -17.85 11.56
C LYS A 128 2.76 -17.21 11.67
N MET A 129 2.07 -17.48 12.77
CA MET A 129 0.76 -16.90 13.03
C MET A 129 0.86 -15.38 13.18
N ALA A 130 1.94 -14.93 13.81
CA ALA A 130 2.18 -13.50 13.98
C ALA A 130 2.29 -12.80 12.63
N GLY A 131 3.16 -13.33 11.77
CA GLY A 131 3.34 -12.80 10.43
C GLY A 131 2.05 -12.86 9.63
N LEU A 132 1.29 -13.92 9.83
CA LEU A 132 0.01 -14.08 9.17
C LEU A 132 -0.95 -12.96 9.58
N MET A 133 -0.98 -12.66 10.87
CA MET A 133 -1.85 -11.60 11.39
C MET A 133 -1.43 -10.22 10.90
N ILE A 134 -0.11 -9.96 10.90
CA ILE A 134 0.40 -8.68 10.41
C ILE A 134 0.07 -8.48 8.93
N ALA A 135 0.41 -9.48 8.13
CA ALA A 135 0.11 -9.47 6.70
C ALA A 135 -1.38 -9.29 6.46
N ALA A 136 -2.19 -9.95 7.28
CA ALA A 136 -3.64 -9.84 7.19
C ALA A 136 -4.08 -8.40 7.45
N ALA A 137 -3.49 -7.79 8.47
CA ALA A 137 -3.80 -6.41 8.82
C ALA A 137 -3.50 -5.45 7.67
N TRP A 138 -2.28 -5.53 7.16
CA TRP A 138 -1.87 -4.64 6.07
C TRP A 138 -2.69 -4.86 4.78
N VAL A 139 -2.83 -6.13 4.39
CA VAL A 139 -3.58 -6.48 3.18
C VAL A 139 -5.04 -6.03 3.29
N LEU A 140 -5.67 -6.31 4.42
CA LEU A 140 -7.05 -5.90 4.63
C LEU A 140 -7.19 -4.39 4.62
N SER A 141 -6.21 -3.70 5.20
CA SER A 141 -6.22 -2.24 5.20
C SER A 141 -6.17 -1.70 3.77
N PHE A 142 -5.29 -2.28 2.96
CA PHE A 142 -5.17 -1.88 1.56
C PHE A 142 -6.47 -2.15 0.79
N VAL A 143 -6.98 -3.37 0.91
CA VAL A 143 -8.20 -3.77 0.20
C VAL A 143 -9.39 -2.91 0.61
N LEU A 144 -9.43 -2.50 1.87
CA LEU A 144 -10.55 -1.71 2.38
C LEU A 144 -10.46 -0.23 2.03
N TRP A 145 -9.24 0.30 1.96
CA TRP A 145 -9.09 1.74 1.78
C TRP A 145 -8.67 2.18 0.37
N ALA A 146 -7.69 1.51 -0.21
CA ALA A 146 -7.16 1.91 -1.51
C ALA A 146 -8.21 2.00 -2.62
N PRO A 147 -9.12 1.01 -2.73
CA PRO A 147 -10.14 1.16 -3.78
C PRO A 147 -11.06 2.35 -3.56
N ALA A 148 -11.44 2.61 -2.31
CA ALA A 148 -12.34 3.71 -2.00
C ALA A 148 -11.73 5.07 -2.31
N ILE A 149 -10.42 5.17 -2.13
CA ILE A 149 -9.70 6.43 -2.34
C ILE A 149 -9.32 6.63 -3.82
N LEU A 150 -8.93 5.54 -4.46
CA LEU A 150 -8.40 5.62 -5.82
C LEU A 150 -9.46 5.38 -6.91
N PHE A 151 -10.38 4.45 -6.66
CA PHE A 151 -11.30 4.01 -7.70
C PHE A 151 -12.69 4.64 -7.62
N TRP A 152 -12.98 5.38 -6.57
CA TRP A 152 -14.32 5.95 -6.42
C TRP A 152 -14.61 7.00 -7.50
N GLN A 153 -13.60 7.79 -7.85
CA GLN A 153 -13.72 8.77 -8.92
C GLN A 153 -13.97 8.08 -10.25
N PHE A 154 -13.47 6.87 -10.40
CA PHE A 154 -13.67 6.07 -11.59
C PHE A 154 -15.10 5.56 -11.65
N VAL A 155 -15.60 5.08 -10.51
CA VAL A 155 -16.97 4.59 -10.41
C VAL A 155 -17.98 5.71 -10.68
N VAL A 156 -17.75 6.86 -10.05
CA VAL A 156 -18.60 8.03 -10.25
C VAL A 156 -18.47 8.53 -11.69
N GLY A 157 -17.26 8.43 -12.23
CA GLY A 157 -17.01 8.85 -13.59
C GLY A 157 -16.54 10.29 -13.64
N LYS A 158 -16.17 10.82 -12.49
CA LYS A 158 -15.75 12.21 -12.38
C LYS A 158 -14.99 12.46 -11.07
N ARG A 159 -13.85 13.14 -11.17
CA ARG A 159 -13.12 13.58 -10.00
C ARG A 159 -13.62 14.96 -9.58
N THR A 160 -14.24 15.03 -8.40
CA THR A 160 -14.82 16.28 -7.93
C THR A 160 -13.83 17.08 -7.09
N VAL A 161 -12.63 16.54 -6.93
CA VAL A 161 -11.58 17.20 -6.17
C VAL A 161 -10.80 18.16 -7.06
N PRO A 162 -10.77 19.46 -6.68
CA PRO A 162 -10.00 20.46 -7.41
C PRO A 162 -8.51 20.14 -7.39
N ASP A 163 -7.81 20.50 -8.46
CA ASP A 163 -6.39 20.17 -8.60
C ASP A 163 -5.52 20.92 -7.59
N ASN A 164 -6.05 22.00 -7.05
CA ASN A 164 -5.32 22.79 -6.06
C ASN A 164 -5.70 22.37 -4.63
N GLN A 165 -6.51 21.31 -4.53
CA GLN A 165 -6.91 20.78 -3.23
C GLN A 165 -6.63 19.28 -3.19
N CYS A 166 -6.79 18.69 -2.01
CA CYS A 166 -6.54 17.26 -1.84
C CYS A 166 -7.35 16.67 -0.70
N PHE A 167 -8.37 15.89 -1.04
CA PHE A 167 -9.18 15.19 -0.04
C PHE A 167 -9.83 13.95 -0.64
N ILE A 168 -10.32 13.06 0.22
CA ILE A 168 -10.96 11.84 -0.23
C ILE A 168 -12.37 12.11 -0.72
N GLN A 169 -12.57 11.94 -2.02
CA GLN A 169 -13.87 12.19 -2.65
C GLN A 169 -14.94 11.24 -2.12
N PHE A 170 -14.52 10.03 -1.74
CA PHE A 170 -15.41 9.02 -1.21
C PHE A 170 -16.04 9.45 0.11
N LEU A 171 -15.30 10.25 0.88
CA LEU A 171 -15.74 10.69 2.19
C LEU A 171 -16.34 12.09 2.18
N SER A 172 -16.97 12.44 1.06
CA SER A 172 -17.56 13.77 0.90
C SER A 172 -18.78 13.95 1.81
N ASN A 173 -19.61 12.92 1.88
CA ASN A 173 -20.80 12.96 2.72
C ASN A 173 -20.45 12.72 4.20
N PRO A 174 -20.82 13.67 5.06
CA PRO A 174 -20.56 13.60 6.51
C PRO A 174 -21.06 12.29 7.15
N ALA A 175 -22.20 11.79 6.68
CA ALA A 175 -22.75 10.54 7.18
C ALA A 175 -21.81 9.37 6.89
N VAL A 176 -21.37 9.28 5.65
CA VAL A 176 -20.45 8.23 5.23
C VAL A 176 -19.14 8.33 6.00
N THR A 177 -18.66 9.56 6.18
CA THR A 177 -17.43 9.82 6.93
C THR A 177 -17.57 9.32 8.37
N PHE A 178 -18.73 9.57 8.97
CA PHE A 178 -18.96 9.17 10.35
C PHE A 178 -19.10 7.66 10.50
N GLY A 179 -19.82 7.02 9.58
CA GLY A 179 -19.95 5.58 9.59
C GLY A 179 -18.59 4.93 9.44
N THR A 180 -17.78 5.51 8.55
CA THR A 180 -16.42 5.06 8.34
C THR A 180 -15.60 5.22 9.62
N ALA A 181 -15.82 6.33 10.33
CA ALA A 181 -15.13 6.57 11.59
C ALA A 181 -15.52 5.53 12.64
N ILE A 182 -16.79 5.16 12.65
CA ILE A 182 -17.29 4.12 13.54
C ILE A 182 -16.62 2.78 13.26
N ALA A 183 -16.59 2.40 11.98
CA ALA A 183 -16.00 1.12 11.59
C ALA A 183 -14.48 1.09 11.80
N ALA A 184 -13.85 2.26 11.70
CA ALA A 184 -12.39 2.33 11.71
C ALA A 184 -11.80 2.73 13.05
N PHE A 185 -12.42 3.69 13.73
CA PHE A 185 -11.87 4.20 14.99
C PHE A 185 -12.63 3.79 16.24
N TYR A 186 -13.93 4.10 16.29
CA TYR A 186 -14.70 3.95 17.52
C TYR A 186 -14.81 2.51 18.01
N LEU A 187 -15.24 1.60 17.12
CA LEU A 187 -15.38 0.20 17.48
C LEU A 187 -14.06 -0.44 17.95
N PRO A 188 -12.94 -0.23 17.19
CA PRO A 188 -11.69 -0.78 17.71
C PRO A 188 -11.30 -0.21 19.07
N VAL A 189 -11.57 1.07 19.30
CA VAL A 189 -11.26 1.70 20.58
C VAL A 189 -12.07 1.05 21.70
N VAL A 190 -13.36 0.83 21.45
CA VAL A 190 -14.23 0.18 22.42
C VAL A 190 -13.74 -1.24 22.73
N ILE A 191 -13.47 -2.02 21.69
CA ILE A 191 -13.02 -3.39 21.85
C ILE A 191 -11.70 -3.47 22.63
N MET A 192 -10.75 -2.62 22.26
CA MET A 192 -9.47 -2.58 22.95
C MET A 192 -9.63 -2.11 24.39
N THR A 193 -10.64 -1.28 24.63
CA THR A 193 -10.94 -0.82 25.97
C THR A 193 -11.42 -1.97 26.84
N VAL A 194 -12.40 -2.71 26.34
CA VAL A 194 -12.92 -3.90 27.03
C VAL A 194 -11.80 -4.90 27.29
N LEU A 195 -11.01 -5.17 26.26
CA LEU A 195 -9.89 -6.09 26.36
C LEU A 195 -8.92 -5.65 27.45
N TYR A 196 -8.61 -4.36 27.47
CA TYR A 196 -7.72 -3.81 28.50
C TYR A 196 -8.30 -3.98 29.89
N ILE A 197 -9.61 -3.79 30.00
CA ILE A 197 -10.29 -3.98 31.28
C ILE A 197 -10.13 -5.41 31.79
N HIS A 198 -10.42 -6.38 30.91
CA HIS A 198 -10.30 -7.78 31.28
C HIS A 198 -8.87 -8.19 31.59
N ILE A 199 -7.91 -7.62 30.84
CA ILE A 199 -6.51 -7.88 31.08
C ILE A 199 -6.08 -7.35 32.44
N SER A 200 -6.48 -6.12 32.75
CA SER A 200 -6.14 -5.49 34.01
C SER A 200 -6.81 -6.19 35.19
N LEU A 201 -7.97 -6.79 34.94
CA LEU A 201 -8.67 -7.52 36.00
C LEU A 201 -8.11 -8.93 36.15
N ALA A 202 -7.36 -9.38 35.14
CA ALA A 202 -6.81 -10.73 35.15
C ALA A 202 -5.54 -10.80 36.01
N SER A 203 -5.60 -11.60 37.06
CA SER A 203 -4.49 -11.75 37.99
C SER A 203 -3.38 -12.59 37.38
N ARG A 204 -2.13 -12.16 37.58
CA ARG A 204 -0.99 -12.92 37.09
C ARG A 204 -0.35 -13.65 38.26
N SER A 205 -1.07 -13.63 39.39
CA SER A 205 -0.69 -14.38 40.57
C SER A 205 -1.26 -15.79 40.46
N ARG A 206 -2.24 -15.94 39.57
CA ARG A 206 -2.90 -17.22 39.35
C ARG A 206 -2.48 -17.87 38.05
N VAL A 207 -1.88 -17.07 37.15
CA VAL A 207 -1.45 -17.58 35.85
C VAL A 207 -0.34 -18.62 36.01
N ASN A 208 0.56 -18.37 36.96
CA ASN A 208 1.62 -19.31 37.27
C ASN A 208 1.09 -20.60 37.87
N ILE A 209 -0.04 -20.50 38.57
CA ILE A 209 -0.66 -21.65 39.21
C ILE A 209 -1.18 -22.64 38.16
N PHE A 210 -1.76 -22.12 37.08
CA PHE A 210 -2.25 -22.96 36.00
C PHE A 210 -1.12 -23.71 35.31
N GLU A 211 0.02 -23.04 35.12
CA GLU A 211 1.19 -23.67 34.53
C GLU A 211 1.77 -24.73 35.48
N MET A 212 1.76 -24.42 36.77
CA MET A 212 2.25 -25.35 37.79
C MET A 212 1.41 -26.64 37.81
N LEU A 213 0.09 -26.47 37.79
CA LEU A 213 -0.82 -27.61 37.79
C LEU A 213 -0.73 -28.36 36.47
N ARG A 214 -0.47 -27.62 35.39
CA ARG A 214 -0.27 -28.22 34.08
C ARG A 214 0.96 -29.14 34.10
N ILE A 215 1.99 -28.69 34.79
CA ILE A 215 3.22 -29.48 34.92
C ILE A 215 3.04 -30.69 35.83
N ASP A 216 2.35 -30.48 36.94
CA ASP A 216 2.16 -31.56 37.93
C ASP A 216 1.03 -32.50 37.54
N GLU A 217 0.39 -32.23 36.41
CA GLU A 217 -0.70 -33.10 35.92
C GLU A 217 -0.62 -33.25 34.41
N GLU A 225 -8.05 -27.24 26.33
CA GLU A 225 -9.38 -26.65 26.51
C GLU A 225 -9.90 -26.92 27.91
N ALA A 226 -9.12 -27.64 28.71
CA ALA A 226 -9.49 -27.99 30.07
C ALA A 226 -9.16 -26.88 31.05
N GLU A 227 -8.92 -25.68 30.53
CA GLU A 227 -8.64 -24.51 31.37
C GLU A 227 -9.81 -24.07 32.23
N LYS A 228 -11.03 -24.30 31.76
CA LYS A 228 -12.21 -23.96 32.55
C LYS A 228 -12.28 -24.81 33.82
N LEU A 229 -11.89 -26.07 33.69
CA LEU A 229 -11.82 -26.98 34.83
C LEU A 229 -10.87 -26.46 35.88
N PHE A 230 -9.67 -26.08 35.46
CA PHE A 230 -8.70 -25.47 36.36
C PHE A 230 -9.24 -24.20 37.00
N ASN A 231 -9.91 -23.36 36.20
CA ASN A 231 -10.51 -22.13 36.70
C ASN A 231 -11.50 -22.38 37.83
N GLN A 232 -12.31 -23.42 37.68
CA GLN A 232 -13.25 -23.80 38.73
C GLN A 232 -12.53 -24.38 39.95
N ASP A 233 -11.74 -25.41 39.71
CA ASP A 233 -11.10 -26.19 40.76
C ASP A 233 -10.15 -25.38 41.63
N VAL A 234 -9.37 -24.48 41.02
CA VAL A 234 -8.47 -23.63 41.79
C VAL A 234 -9.25 -22.77 42.80
N ASP A 235 -10.30 -22.12 42.30
CA ASP A 235 -11.18 -21.31 43.14
C ASP A 235 -11.77 -22.15 44.26
N ALA A 236 -12.20 -23.37 43.91
CA ALA A 236 -12.75 -24.30 44.89
C ALA A 236 -11.73 -24.62 45.98
N ALA A 237 -10.50 -24.88 45.57
CA ALA A 237 -9.40 -25.18 46.49
C ALA A 237 -9.15 -24.03 47.45
N VAL A 238 -9.04 -22.82 46.91
CA VAL A 238 -8.83 -21.63 47.73
C VAL A 238 -9.97 -21.49 48.73
N ARG A 239 -11.18 -21.72 48.24
CA ARG A 239 -12.38 -21.65 49.07
C ARG A 239 -12.29 -22.63 50.23
N GLY A 240 -11.82 -23.84 49.92
CA GLY A 240 -11.63 -24.87 50.94
C GLY A 240 -10.59 -24.47 51.97
N ILE A 241 -9.52 -23.82 51.50
CA ILE A 241 -8.46 -23.35 52.39
C ILE A 241 -9.00 -22.28 53.34
N LEU A 242 -9.81 -21.38 52.81
CA LEU A 242 -10.40 -20.31 53.63
C LEU A 242 -11.48 -20.86 54.56
N ARG A 243 -12.05 -21.99 54.16
CA ARG A 243 -13.09 -22.64 54.96
C ARG A 243 -12.47 -23.40 56.13
N ASN A 244 -11.31 -24.02 55.88
CA ASN A 244 -10.62 -24.78 56.90
C ASN A 244 -9.97 -23.88 57.94
N ALA A 245 -10.15 -24.23 59.22
CA ALA A 245 -9.66 -23.40 60.32
C ALA A 245 -8.16 -23.58 60.54
N LYS A 246 -7.61 -24.67 60.01
CA LYS A 246 -6.20 -24.97 60.19
C LYS A 246 -5.35 -24.51 59.01
N LEU A 247 -5.94 -24.52 57.82
CA LEU A 247 -5.23 -24.16 56.61
C LEU A 247 -5.16 -22.64 56.41
N LYS A 248 -6.14 -21.94 56.98
CA LYS A 248 -6.22 -20.49 56.87
C LYS A 248 -5.02 -19.73 57.45
N PRO A 249 -4.61 -20.05 58.70
CA PRO A 249 -3.48 -19.27 59.24
C PRO A 249 -2.17 -19.52 58.48
N VAL A 250 -2.01 -20.73 57.97
CA VAL A 250 -0.82 -21.08 57.19
C VAL A 250 -0.84 -20.34 55.85
N TYR A 251 -2.01 -20.34 55.22
CA TYR A 251 -2.19 -19.67 53.93
C TYR A 251 -1.95 -18.16 54.05
N ASP A 252 -2.42 -17.58 55.14
CA ASP A 252 -2.29 -16.14 55.37
C ASP A 252 -0.84 -15.73 55.61
N SER A 253 -0.07 -16.63 56.21
CA SER A 253 1.31 -16.33 56.58
C SER A 253 2.32 -16.89 55.59
N LEU A 254 1.90 -16.99 54.32
CA LEU A 254 2.75 -17.56 53.29
C LEU A 254 2.86 -16.63 52.10
N ASP A 255 4.00 -16.69 51.40
CA ASP A 255 4.19 -15.89 50.20
C ASP A 255 3.44 -16.49 49.01
N ALA A 256 3.27 -15.69 47.96
CA ALA A 256 2.47 -16.08 46.79
C ALA A 256 2.84 -17.42 46.18
N VAL A 257 4.13 -17.66 45.98
CA VAL A 257 4.59 -18.90 45.36
C VAL A 257 4.32 -20.11 46.25
N ARG A 258 4.71 -20.00 47.51
CA ARG A 258 4.53 -21.10 48.46
C ARG A 258 3.06 -21.30 48.84
N ARG A 259 2.29 -20.22 48.88
CA ARG A 259 0.86 -20.36 49.12
C ARG A 259 0.22 -21.03 47.90
N ALA A 260 0.80 -20.81 46.73
CA ALA A 260 0.34 -21.48 45.52
C ALA A 260 0.70 -22.96 45.59
N ALA A 261 1.81 -23.26 46.26
CA ALA A 261 2.20 -24.64 46.51
C ALA A 261 1.22 -25.32 47.46
N LEU A 262 0.79 -24.59 48.49
CA LEU A 262 -0.22 -25.08 49.42
C LEU A 262 -1.52 -25.34 48.66
N ILE A 263 -1.86 -24.42 47.76
CA ILE A 263 -3.03 -24.57 46.89
C ILE A 263 -2.88 -25.81 46.03
N ASN A 264 -1.67 -26.12 45.62
CA ASN A 264 -1.37 -27.33 44.85
C ASN A 264 -1.67 -28.57 45.70
N MET A 265 -1.22 -28.54 46.95
CA MET A 265 -1.46 -29.64 47.88
C MET A 265 -2.96 -29.88 48.09
N VAL A 266 -3.71 -28.79 48.29
CA VAL A 266 -5.15 -28.88 48.46
C VAL A 266 -5.82 -29.38 47.18
N PHE A 267 -5.25 -29.00 46.04
CA PHE A 267 -5.72 -29.40 44.73
C PHE A 267 -5.57 -30.91 44.55
N GLN A 268 -4.49 -31.45 45.11
CA GLN A 268 -4.18 -32.87 44.95
C GLN A 268 -4.89 -33.76 45.95
N MET A 269 -4.94 -33.33 47.21
CA MET A 269 -5.40 -34.18 48.29
C MET A 269 -6.69 -33.72 48.97
N GLY A 270 -7.07 -32.46 48.76
CA GLY A 270 -8.26 -31.93 49.40
C GLY A 270 -7.93 -31.23 50.70
N GLU A 271 -8.84 -30.36 51.15
CA GLU A 271 -8.62 -29.58 52.37
C GLU A 271 -8.39 -30.47 53.59
N THR A 272 -9.14 -31.57 53.67
CA THR A 272 -9.02 -32.48 54.81
C THR A 272 -7.68 -33.19 54.83
N GLY A 273 -7.25 -33.67 53.66
CA GLY A 273 -5.97 -34.35 53.54
C GLY A 273 -4.79 -33.47 53.90
N VAL A 274 -4.84 -32.22 53.47
CA VAL A 274 -3.77 -31.27 53.73
C VAL A 274 -3.82 -30.80 55.19
N ALA A 275 -5.03 -30.76 55.75
CA ALA A 275 -5.20 -30.39 57.15
C ALA A 275 -4.54 -31.39 58.09
N GLY A 276 -4.27 -32.60 57.58
CA GLY A 276 -3.63 -33.63 58.36
C GLY A 276 -2.15 -33.35 58.61
N PHE A 277 -1.56 -32.53 57.76
CA PHE A 277 -0.14 -32.19 57.89
C PHE A 277 0.08 -31.10 58.95
N THR A 278 -0.34 -31.38 60.18
CA THR A 278 -0.30 -30.38 61.24
C THR A 278 1.11 -29.87 61.50
N ASN A 279 2.04 -30.79 61.69
CA ASN A 279 3.44 -30.45 61.93
C ASN A 279 4.05 -29.64 60.81
N SER A 280 3.84 -30.10 59.57
CA SER A 280 4.41 -29.44 58.40
C SER A 280 3.81 -28.05 58.19
N LEU A 281 2.51 -27.92 58.41
CA LEU A 281 1.84 -26.63 58.28
C LEU A 281 2.35 -25.63 59.33
N ARG A 282 2.48 -26.10 60.57
CA ARG A 282 2.97 -25.25 61.65
C ARG A 282 4.42 -24.85 61.39
N MET A 283 5.18 -25.75 60.77
CA MET A 283 6.55 -25.44 60.37
C MET A 283 6.56 -24.41 59.25
N LEU A 284 5.56 -24.46 58.39
CA LEU A 284 5.43 -23.51 57.29
C LEU A 284 5.09 -22.12 57.81
N GLN A 285 4.31 -22.07 58.89
CA GLN A 285 3.98 -20.80 59.52
C GLN A 285 5.22 -20.04 59.98
N GLN A 286 6.18 -20.76 60.56
CA GLN A 286 7.43 -20.14 61.01
C GLN A 286 8.44 -19.98 59.87
N LYS A 287 8.00 -20.28 58.66
CA LYS A 287 8.81 -20.12 57.45
C LYS A 287 10.13 -20.89 57.48
N ARG A 288 10.14 -22.01 58.21
CA ARG A 288 11.29 -22.90 58.23
C ARG A 288 11.15 -23.98 57.17
N TRP A 289 11.55 -23.63 55.94
CA TRP A 289 11.29 -24.45 54.76
C TRP A 289 12.03 -25.79 54.80
N ASP A 290 13.26 -25.80 55.30
CA ASP A 290 14.06 -27.02 55.36
C ASP A 290 13.41 -28.04 56.30
N GLU A 291 13.10 -27.60 57.51
CA GLU A 291 12.47 -28.46 58.51
C GLU A 291 11.12 -28.98 58.01
N ALA A 292 10.37 -28.09 57.36
CA ALA A 292 9.08 -28.44 56.79
C ALA A 292 9.25 -29.49 55.69
N ALA A 293 10.34 -29.38 54.95
CA ALA A 293 10.63 -30.30 53.86
C ALA A 293 10.97 -31.68 54.41
N VAL A 294 11.73 -31.69 55.49
CA VAL A 294 12.14 -32.95 56.13
C VAL A 294 10.91 -33.63 56.72
N ASN A 295 10.02 -32.84 57.32
CA ASN A 295 8.80 -33.38 57.90
C ASN A 295 7.81 -33.82 56.82
N LEU A 296 7.87 -33.18 55.65
CA LEU A 296 7.00 -33.53 54.53
C LEU A 296 7.52 -34.75 53.79
N ALA A 297 8.79 -35.06 54.00
CA ALA A 297 9.40 -36.23 53.37
C ALA A 297 8.95 -37.51 54.08
N LYS A 298 8.38 -37.37 55.27
CA LYS A 298 7.94 -38.51 56.06
C LYS A 298 6.53 -38.99 55.69
N SER A 299 5.86 -38.23 54.82
CA SER A 299 4.46 -38.49 54.51
C SER A 299 4.27 -39.56 53.44
N ARG A 300 3.05 -40.10 53.36
CA ARG A 300 2.70 -41.05 52.30
C ARG A 300 2.60 -40.32 50.97
N TRP A 301 2.25 -39.04 51.03
CA TRP A 301 2.16 -38.19 49.85
C TRP A 301 3.48 -38.10 49.11
N TYR A 302 4.57 -38.06 49.85
CA TYR A 302 5.91 -37.98 49.26
C TYR A 302 6.30 -39.30 48.57
N ASN A 303 5.72 -40.39 49.03
CA ASN A 303 6.06 -41.71 48.49
C ASN A 303 5.17 -42.13 47.32
N GLN A 304 3.90 -41.70 47.35
CA GLN A 304 2.94 -42.07 46.32
C GLN A 304 3.20 -41.30 45.04
N THR A 305 3.39 -39.99 45.16
CA THR A 305 3.72 -39.16 44.01
C THR A 305 5.04 -38.44 44.25
N PRO A 306 6.16 -39.15 44.06
CA PRO A 306 7.51 -38.67 44.40
C PRO A 306 7.92 -37.42 43.63
N ASN A 307 7.70 -37.41 42.32
CA ASN A 307 8.14 -36.28 41.50
C ASN A 307 7.40 -34.99 41.85
N ARG A 308 6.08 -35.06 41.86
CA ARG A 308 5.24 -33.92 42.21
C ARG A 308 5.56 -33.41 43.61
N ALA A 309 5.75 -34.33 44.54
CA ALA A 309 6.09 -33.98 45.91
C ALA A 309 7.45 -33.28 45.97
N LYS A 310 8.39 -33.75 45.16
CA LYS A 310 9.71 -33.13 45.09
C LYS A 310 9.61 -31.70 44.55
N ARG A 311 8.81 -31.51 43.49
CA ARG A 311 8.63 -30.18 42.92
C ARG A 311 7.97 -29.23 43.90
N VAL A 312 6.91 -29.69 44.56
CA VAL A 312 6.20 -28.85 45.53
C VAL A 312 7.08 -28.50 46.73
N ILE A 313 7.77 -29.49 47.28
CA ILE A 313 8.66 -29.29 48.41
C ILE A 313 9.81 -28.34 48.08
N THR A 314 10.42 -28.55 46.92
CA THR A 314 11.50 -27.68 46.45
C THR A 314 10.99 -26.26 46.27
N THR A 315 9.80 -26.14 45.67
CA THR A 315 9.12 -24.86 45.54
C THR A 315 8.95 -24.18 46.90
N PHE A 316 8.62 -24.97 47.92
CA PHE A 316 8.50 -24.45 49.27
C PHE A 316 9.85 -23.97 49.79
N ARG A 317 10.91 -24.68 49.40
CA ARG A 317 12.25 -24.35 49.87
C ARG A 317 12.75 -23.04 49.26
N THR A 318 12.82 -22.98 47.94
CA THR A 318 13.38 -21.83 47.24
C THR A 318 12.40 -20.65 47.17
N GLY A 319 11.13 -20.96 46.99
CA GLY A 319 10.11 -19.93 46.83
C GLY A 319 10.10 -19.38 45.42
N THR A 320 10.68 -20.13 44.49
CA THR A 320 10.75 -19.73 43.09
C THR A 320 10.15 -20.80 42.19
N TRP A 321 10.05 -20.50 40.90
CA TRP A 321 9.52 -21.44 39.93
C TRP A 321 10.63 -22.18 39.20
N ASP A 322 11.79 -22.28 39.85
CA ASP A 322 12.95 -22.93 39.27
C ASP A 322 12.72 -24.41 39.00
N ALA A 323 11.75 -24.99 39.71
CA ALA A 323 11.41 -26.40 39.53
C ALA A 323 10.38 -26.55 38.41
N TYR A 324 10.00 -25.44 37.81
CA TYR A 324 9.04 -25.45 36.71
C TYR A 324 9.56 -24.65 35.52
N ARG A 331 6.17 -8.73 31.34
CA ARG A 331 5.33 -8.00 32.28
C ARG A 331 5.30 -6.51 31.97
N LYS A 332 6.46 -5.97 31.59
CA LYS A 332 6.58 -4.56 31.22
C LYS A 332 5.92 -4.29 29.86
N VAL A 333 5.71 -5.36 29.10
CA VAL A 333 5.13 -5.25 27.77
C VAL A 333 3.69 -4.78 27.84
N THR A 334 2.93 -5.30 28.80
CA THR A 334 1.55 -4.85 29.00
C THR A 334 1.49 -3.35 29.27
N ARG A 335 2.42 -2.85 30.09
CA ARG A 335 2.49 -1.44 30.40
C ARG A 335 2.84 -0.60 29.17
N THR A 336 3.82 -1.07 28.41
CA THR A 336 4.22 -0.40 27.17
C THR A 336 3.04 -0.29 26.21
N ILE A 337 2.38 -1.42 25.98
CA ILE A 337 1.21 -1.49 25.10
C ILE A 337 0.09 -0.58 25.57
N PHE A 338 -0.14 -0.54 26.88
CA PHE A 338 -1.14 0.35 27.44
C PHE A 338 -0.78 1.81 27.15
N ALA A 339 0.51 2.13 27.24
CA ALA A 339 0.99 3.47 26.93
C ALA A 339 0.72 3.82 25.47
N ILE A 340 1.03 2.88 24.58
CA ILE A 340 0.80 3.07 23.15
C ILE A 340 -0.69 3.33 22.87
N LEU A 341 -1.54 2.51 23.47
CA LEU A 341 -2.99 2.64 23.31
C LEU A 341 -3.47 4.00 23.81
N LEU A 342 -2.94 4.43 24.95
CA LEU A 342 -3.32 5.71 25.53
C LEU A 342 -2.93 6.86 24.59
N ALA A 343 -1.72 6.78 24.05
CA ALA A 343 -1.25 7.78 23.09
C ALA A 343 -2.17 7.82 21.87
N PHE A 344 -2.52 6.65 21.37
CA PHE A 344 -3.41 6.51 20.23
C PHE A 344 -4.75 7.19 20.48
N ILE A 345 -5.40 6.80 21.58
CA ILE A 345 -6.70 7.37 21.94
C ILE A 345 -6.63 8.89 22.09
N LEU A 346 -5.69 9.36 22.90
CA LEU A 346 -5.55 10.79 23.15
C LEU A 346 -5.30 11.60 21.89
N THR A 347 -4.45 11.09 21.01
CA THR A 347 -4.08 11.84 19.81
C THR A 347 -5.13 11.78 18.70
N TRP A 348 -5.86 10.67 18.62
CA TRP A 348 -6.80 10.49 17.51
C TRP A 348 -8.24 10.92 17.85
N THR A 349 -8.57 10.94 19.14
CA THR A 349 -9.93 11.27 19.57
C THR A 349 -10.47 12.61 19.05
N PRO A 350 -9.71 13.72 19.18
CA PRO A 350 -10.28 15.01 18.76
C PRO A 350 -10.77 15.05 17.32
N TYR A 351 -9.99 14.51 16.39
CA TYR A 351 -10.35 14.52 14.98
C TYR A 351 -11.65 13.76 14.73
N ASN A 352 -11.78 12.59 15.36
CA ASN A 352 -12.98 11.77 15.20
C ASN A 352 -14.19 12.41 15.86
N VAL A 353 -13.95 13.17 16.92
CA VAL A 353 -15.01 13.95 17.55
C VAL A 353 -15.47 15.04 16.59
N MET A 354 -14.52 15.63 15.87
CA MET A 354 -14.84 16.61 14.83
C MET A 354 -15.67 15.94 13.74
N VAL A 355 -15.32 14.70 13.42
CA VAL A 355 -16.08 13.91 12.45
C VAL A 355 -17.52 13.71 12.93
N LEU A 356 -17.68 13.49 14.23
CA LEU A 356 -18.99 13.34 14.84
C LEU A 356 -19.81 14.63 14.74
N VAL A 357 -19.18 15.75 15.10
CA VAL A 357 -19.83 17.05 15.07
C VAL A 357 -20.22 17.45 13.64
N ASN A 358 -19.41 17.03 12.68
CA ASN A 358 -19.62 17.37 11.27
C ASN A 358 -20.92 16.78 10.70
N THR A 359 -21.51 15.84 11.43
CA THR A 359 -22.72 15.16 10.97
C THR A 359 -23.96 16.05 11.05
N PHE A 360 -23.93 17.03 11.95
CA PHE A 360 -25.06 17.94 12.11
C PHE A 360 -24.65 19.40 11.98
N CYS A 361 -23.38 19.69 12.24
CA CYS A 361 -22.87 21.05 12.16
C CYS A 361 -21.49 21.11 11.50
N GLN A 362 -21.46 21.46 10.22
CA GLN A 362 -20.20 21.60 9.49
C GLN A 362 -19.53 22.92 9.80
N SER A 363 -20.33 23.92 10.18
CA SER A 363 -19.82 25.25 10.42
C SER A 363 -19.20 25.41 11.80
N CYS A 364 -19.47 24.47 12.69
CA CYS A 364 -18.94 24.53 14.05
C CYS A 364 -17.46 24.18 14.11
N ILE A 365 -16.94 23.61 13.03
CA ILE A 365 -15.53 23.24 12.96
C ILE A 365 -14.83 23.93 11.80
N PRO A 366 -14.08 25.00 12.09
CA PRO A 366 -13.34 25.71 11.04
C PRO A 366 -12.18 24.85 10.51
N ASP A 367 -11.67 25.22 9.33
CA ASP A 367 -10.63 24.44 8.66
C ASP A 367 -9.34 24.35 9.47
N THR A 368 -9.05 25.39 10.25
CA THR A 368 -7.85 25.41 11.08
C THR A 368 -7.91 24.30 12.12
N VAL A 369 -9.05 24.16 12.78
CA VAL A 369 -9.27 23.11 13.77
C VAL A 369 -9.14 21.73 13.13
N TRP A 370 -9.73 21.58 11.95
CA TRP A 370 -9.62 20.36 11.17
C TRP A 370 -8.16 19.99 10.92
N SER A 371 -7.38 20.98 10.49
CA SER A 371 -5.97 20.78 10.18
C SER A 371 -5.17 20.39 11.43
N ILE A 372 -5.45 21.09 12.52
CA ILE A 372 -4.79 20.81 13.79
C ILE A 372 -5.08 19.38 14.26
N GLY A 373 -6.32 18.95 14.11
CA GLY A 373 -6.69 17.58 14.48
C GLY A 373 -6.02 16.54 13.60
N TYR A 374 -6.12 16.75 12.29
CA TYR A 374 -5.51 15.84 11.31
C TYR A 374 -4.03 15.67 11.58
N TRP A 375 -3.35 16.77 11.87
CA TRP A 375 -1.93 16.72 12.20
C TRP A 375 -1.71 16.06 13.55
N LEU A 376 -2.63 16.28 14.47
CA LEU A 376 -2.53 15.72 15.81
C LEU A 376 -2.56 14.19 15.78
N CYS A 377 -3.28 13.64 14.81
CA CYS A 377 -3.31 12.19 14.64
C CYS A 377 -1.92 11.63 14.30
N TYR A 378 -1.08 12.44 13.67
CA TYR A 378 0.28 12.01 13.30
C TYR A 378 1.19 11.85 14.51
N VAL A 379 0.98 12.67 15.54
CA VAL A 379 1.89 12.76 16.69
C VAL A 379 2.03 11.43 17.44
N ASN A 380 1.02 10.58 17.34
CA ASN A 380 1.04 9.25 17.93
C ASN A 380 2.28 8.46 17.52
N SER A 381 2.61 8.53 16.23
CA SER A 381 3.78 7.88 15.67
C SER A 381 5.07 8.39 16.30
N THR A 382 5.05 9.65 16.74
CA THR A 382 6.20 10.26 17.40
C THR A 382 6.25 9.81 18.87
N ILE A 383 5.08 9.65 19.46
CA ILE A 383 4.97 9.31 20.87
C ILE A 383 5.37 7.86 21.16
N ASN A 384 5.00 6.94 20.28
CA ASN A 384 5.25 5.52 20.50
C ASN A 384 6.71 5.14 20.87
N PRO A 385 7.72 5.64 20.12
CA PRO A 385 9.09 5.28 20.52
C PRO A 385 9.46 5.79 21.91
N ALA A 386 8.93 6.95 22.27
CA ALA A 386 9.14 7.50 23.60
C ALA A 386 8.51 6.61 24.66
N CYS A 387 7.36 6.02 24.30
CA CYS A 387 6.69 5.06 25.18
C CYS A 387 7.55 3.82 25.36
N TYR A 388 8.21 3.39 24.28
CA TYR A 388 9.14 2.26 24.37
C TYR A 388 10.31 2.60 25.28
N ALA A 389 10.83 3.80 25.17
CA ALA A 389 12.00 4.21 25.93
C ALA A 389 11.68 4.54 27.38
N LEU A 390 10.39 4.77 27.68
CA LEU A 390 9.99 5.16 29.03
C LEU A 390 9.40 4.01 29.83
N CYS A 391 8.59 3.19 29.19
CA CYS A 391 7.89 2.11 29.88
C CYS A 391 8.71 0.81 29.88
N ASN A 392 9.84 0.83 29.19
CA ASN A 392 10.70 -0.34 29.10
C ASN A 392 12.16 0.06 29.25
N ALA A 393 12.93 -0.74 29.99
CA ALA A 393 14.32 -0.43 30.25
C ALA A 393 15.25 -1.14 29.27
N THR A 394 14.77 -2.23 28.71
CA THR A 394 15.55 -2.98 27.73
C THR A 394 15.66 -2.21 26.42
N PHE A 395 14.54 -1.61 26.00
CA PHE A 395 14.52 -0.78 24.81
C PHE A 395 15.36 0.48 24.98
N LYS A 396 15.34 1.02 26.20
CA LYS A 396 16.11 2.23 26.51
C LYS A 396 17.61 1.93 26.49
N LYS A 397 18.00 0.85 27.16
CA LYS A 397 19.39 0.42 27.19
C LYS A 397 19.89 0.09 25.78
N THR A 398 19.00 -0.51 24.98
CA THR A 398 19.33 -0.85 23.61
C THR A 398 19.51 0.41 22.78
N PHE A 399 18.67 1.43 23.05
CA PHE A 399 18.81 2.73 22.41
C PHE A 399 20.17 3.33 22.71
N ARG A 400 20.51 3.37 23.99
CA ARG A 400 21.79 3.91 24.44
C ARG A 400 22.96 3.16 23.82
N HIS A 401 22.78 1.85 23.64
CA HIS A 401 23.81 1.02 23.03
C HIS A 401 23.92 1.26 21.52
N LEU A 402 22.81 1.68 20.92
CA LEU A 402 22.76 1.91 19.48
C LEU A 402 23.28 3.29 19.07
N LEU A 403 23.07 4.29 19.92
CA LEU A 403 23.53 5.64 19.62
C LEU A 403 25.06 5.75 19.62
N LEU A 404 25.72 4.78 20.24
CA LEU A 404 27.18 4.78 20.30
C LEU A 404 27.78 3.65 19.48
N CYS A 405 26.95 3.02 18.66
CA CYS A 405 27.41 1.91 17.81
C CYS A 405 26.77 1.99 16.43
N HIS B 5 8.12 -47.65 -11.58
CA HIS B 5 7.65 -48.38 -12.74
C HIS B 5 6.84 -47.47 -13.67
N ASN B 6 6.10 -46.55 -13.08
CA ASN B 6 5.31 -45.60 -13.86
C ASN B 6 6.20 -44.54 -14.50
N ARG B 7 5.63 -43.77 -15.43
CA ARG B 7 6.40 -42.79 -16.18
C ARG B 7 5.66 -41.47 -16.33
N TYR B 8 5.02 -41.03 -15.26
CA TYR B 8 4.30 -39.76 -15.24
C TYR B 8 5.25 -38.60 -15.46
N GLU B 9 6.46 -38.72 -14.92
CA GLU B 9 7.47 -37.68 -15.01
C GLU B 9 7.82 -37.34 -16.46
N THR B 10 8.03 -38.37 -17.28
CA THR B 10 8.40 -38.18 -18.68
C THR B 10 7.31 -37.46 -19.47
N VAL B 11 6.07 -37.95 -19.35
CA VAL B 11 4.93 -37.36 -20.04
C VAL B 11 4.72 -35.92 -19.59
N GLU B 12 4.84 -35.69 -18.29
CA GLU B 12 4.72 -34.36 -17.73
C GLU B 12 5.75 -33.43 -18.35
N MET B 13 7.00 -33.89 -18.43
CA MET B 13 8.08 -33.05 -18.94
C MET B 13 8.00 -32.80 -20.45
N VAL B 14 7.50 -33.77 -21.21
CA VAL B 14 7.35 -33.55 -22.64
C VAL B 14 6.19 -32.58 -22.88
N PHE B 15 5.13 -32.70 -22.07
CA PHE B 15 4.01 -31.76 -22.14
C PHE B 15 4.48 -30.34 -21.84
N ILE B 16 5.21 -30.19 -20.74
CA ILE B 16 5.75 -28.91 -20.32
C ILE B 16 6.66 -28.32 -21.41
N ALA B 17 7.57 -29.14 -21.92
CA ALA B 17 8.49 -28.70 -22.97
C ALA B 17 7.74 -28.25 -24.22
N THR B 18 6.67 -28.97 -24.54
CA THR B 18 5.85 -28.63 -25.70
C THR B 18 5.17 -27.27 -25.52
N VAL B 19 4.43 -27.13 -24.43
CA VAL B 19 3.70 -25.89 -24.14
C VAL B 19 4.64 -24.68 -24.06
N THR B 20 5.68 -24.81 -23.24
CA THR B 20 6.62 -23.72 -23.01
C THR B 20 7.42 -23.37 -24.27
N GLY B 21 7.76 -24.39 -25.04
CA GLY B 21 8.46 -24.17 -26.30
C GLY B 21 7.57 -23.41 -27.27
N SER B 22 6.29 -23.80 -27.30
CA SER B 22 5.31 -23.13 -28.14
C SER B 22 5.18 -21.65 -27.76
N LEU B 23 5.07 -21.39 -26.46
CA LEU B 23 4.98 -20.02 -25.95
C LEU B 23 6.23 -19.22 -26.30
N SER B 24 7.38 -19.88 -26.24
CA SER B 24 8.65 -19.25 -26.59
C SER B 24 8.64 -18.81 -28.05
N LEU B 25 8.29 -19.75 -28.94
CA LEU B 25 8.25 -19.47 -30.37
C LEU B 25 7.26 -18.34 -30.69
N VAL B 26 6.07 -18.42 -30.12
CA VAL B 26 5.05 -17.40 -30.33
C VAL B 26 5.52 -16.03 -29.86
N THR B 27 6.18 -15.99 -28.71
CA THR B 27 6.71 -14.74 -28.17
C THR B 27 7.75 -14.13 -29.11
N VAL B 28 8.72 -14.96 -29.49
CA VAL B 28 9.79 -14.50 -30.38
C VAL B 28 9.25 -13.98 -31.70
N VAL B 29 8.49 -14.82 -32.40
CA VAL B 29 7.92 -14.45 -33.70
C VAL B 29 7.06 -13.19 -33.59
N GLY B 30 6.21 -13.14 -32.56
CA GLY B 30 5.34 -12.00 -32.36
C GLY B 30 6.09 -10.69 -32.18
N ASN B 31 7.02 -10.67 -31.23
CA ASN B 31 7.76 -9.46 -30.95
C ASN B 31 8.68 -9.04 -32.10
N ILE B 32 9.24 -10.02 -32.81
CA ILE B 32 10.01 -9.73 -34.01
C ILE B 32 9.13 -9.06 -35.06
N LEU B 33 7.92 -9.58 -35.22
CA LEU B 33 6.96 -8.99 -36.15
C LEU B 33 6.61 -7.56 -35.76
N VAL B 34 6.45 -7.32 -34.46
CA VAL B 34 6.17 -5.97 -33.98
C VAL B 34 7.33 -5.01 -34.28
N MET B 35 8.54 -5.41 -33.90
CA MET B 35 9.73 -4.59 -34.12
C MET B 35 9.94 -4.27 -35.60
N LEU B 36 9.85 -5.29 -36.44
CA LEU B 36 9.99 -5.10 -37.89
C LEU B 36 8.89 -4.20 -38.44
N SER B 37 7.66 -4.38 -37.96
CA SER B 37 6.54 -3.57 -38.39
C SER B 37 6.77 -2.09 -38.09
N ILE B 38 7.23 -1.81 -36.87
CA ILE B 38 7.54 -0.43 -36.49
C ILE B 38 8.70 0.10 -37.31
N LYS B 39 9.67 -0.76 -37.62
CA LYS B 39 10.84 -0.34 -38.35
C LYS B 39 10.56 0.02 -39.81
N VAL B 40 9.77 -0.78 -40.50
CA VAL B 40 9.58 -0.60 -41.94
C VAL B 40 8.42 0.36 -42.28
N ASN B 41 7.37 0.34 -41.49
CA ASN B 41 6.20 1.17 -41.75
C ASN B 41 6.35 2.58 -41.19
N ARG B 42 6.29 3.57 -42.08
CA ARG B 42 6.43 4.97 -41.68
C ARG B 42 5.25 5.42 -40.82
N GLN B 43 4.10 4.81 -41.03
CA GLN B 43 2.89 5.15 -40.31
C GLN B 43 2.94 4.63 -38.87
N LEU B 44 3.86 3.72 -38.60
CA LEU B 44 4.02 3.15 -37.27
C LEU B 44 5.28 3.66 -36.59
N GLN B 45 5.75 4.83 -37.00
CA GLN B 45 6.96 5.42 -36.43
C GLN B 45 6.67 6.65 -35.58
N THR B 46 5.92 6.46 -34.51
CA THR B 46 5.64 7.53 -33.56
C THR B 46 6.26 7.21 -32.21
N VAL B 47 6.35 8.23 -31.36
CA VAL B 47 6.95 8.09 -30.03
C VAL B 47 6.36 6.93 -29.23
N ASN B 48 5.04 6.82 -29.26
CA ASN B 48 4.33 5.74 -28.61
C ASN B 48 4.86 4.39 -29.06
N ASN B 49 5.17 4.30 -30.36
CA ASN B 49 5.68 3.07 -30.93
C ASN B 49 7.18 2.90 -30.71
N TYR B 50 7.86 3.98 -30.32
CA TYR B 50 9.23 3.86 -29.84
C TYR B 50 9.21 3.15 -28.49
N PHE B 51 8.31 3.61 -27.62
CA PHE B 51 8.13 2.96 -26.32
C PHE B 51 7.72 1.49 -26.50
N LEU B 52 6.72 1.27 -27.35
CA LEU B 52 6.26 -0.08 -27.66
C LEU B 52 7.39 -0.92 -28.25
N PHE B 53 8.28 -0.28 -28.99
CA PHE B 53 9.44 -0.95 -29.57
C PHE B 53 10.39 -1.43 -28.48
N SER B 54 10.65 -0.56 -27.51
CA SER B 54 11.49 -0.93 -26.36
C SER B 54 10.90 -2.12 -25.61
N LEU B 55 9.59 -2.02 -25.33
CA LEU B 55 8.90 -3.10 -24.65
C LEU B 55 8.97 -4.41 -25.45
N ALA B 56 8.90 -4.29 -26.77
CA ALA B 56 8.99 -5.43 -27.66
C ALA B 56 10.38 -6.05 -27.63
N CYS B 57 11.40 -5.20 -27.46
CA CYS B 57 12.78 -5.68 -27.32
C CYS B 57 12.92 -6.50 -26.05
N ALA B 58 12.44 -5.94 -24.93
CA ALA B 58 12.46 -6.65 -23.66
C ALA B 58 11.74 -8.00 -23.75
N ASP B 59 10.55 -7.97 -24.32
CA ASP B 59 9.74 -9.17 -24.49
C ASP B 59 10.42 -10.19 -25.39
N LEU B 60 11.17 -9.70 -26.37
CA LEU B 60 11.92 -10.58 -27.27
C LEU B 60 13.04 -11.27 -26.53
N ILE B 61 13.80 -10.52 -25.74
CA ILE B 61 14.88 -11.09 -24.95
C ILE B 61 14.34 -12.13 -23.96
N ILE B 62 13.22 -11.81 -23.33
CA ILE B 62 12.59 -12.74 -22.39
C ILE B 62 12.11 -14.01 -23.09
N GLY B 63 11.49 -13.85 -24.25
CA GLY B 63 10.94 -14.98 -24.99
C GLY B 63 12.00 -15.86 -25.61
N ALA B 64 13.16 -15.29 -25.92
CA ALA B 64 14.21 -16.03 -26.60
C ALA B 64 15.13 -16.78 -25.63
N PHE B 65 15.58 -16.08 -24.59
CA PHE B 65 16.58 -16.64 -23.68
C PHE B 65 15.99 -17.14 -22.36
N SER B 66 15.27 -16.25 -21.68
CA SER B 66 14.74 -16.54 -20.35
C SER B 66 13.86 -17.79 -20.29
N MET B 67 12.86 -17.83 -21.17
CA MET B 67 11.92 -18.94 -21.21
C MET B 67 12.63 -20.28 -21.37
N ASN B 68 13.46 -20.38 -22.41
CA ASN B 68 14.15 -21.62 -22.73
C ASN B 68 15.08 -22.10 -21.62
N LEU B 69 15.86 -21.19 -21.07
CA LEU B 69 16.78 -21.51 -19.96
C LEU B 69 16.00 -22.00 -18.74
N TYR B 70 14.93 -21.29 -18.41
CA TYR B 70 14.10 -21.67 -17.27
C TYR B 70 13.48 -23.04 -17.49
N THR B 71 13.14 -23.35 -18.74
CA THR B 71 12.60 -24.66 -19.06
C THR B 71 13.66 -25.74 -18.95
N VAL B 72 14.91 -25.37 -19.23
CA VAL B 72 16.03 -26.28 -19.01
C VAL B 72 16.10 -26.62 -17.52
N TYR B 73 16.03 -25.57 -16.70
CA TYR B 73 16.02 -25.74 -15.25
C TYR B 73 14.89 -26.66 -14.79
N ILE B 74 13.69 -26.43 -15.32
CA ILE B 74 12.52 -27.21 -14.95
C ILE B 74 12.62 -28.67 -15.36
N ILE B 75 12.91 -28.91 -16.64
CA ILE B 75 12.97 -30.25 -17.19
C ILE B 75 14.08 -31.08 -16.57
N LYS B 76 15.27 -30.49 -16.43
CA LYS B 76 16.41 -31.21 -15.88
C LYS B 76 16.23 -31.47 -14.38
N GLY B 77 15.46 -30.62 -13.72
CA GLY B 77 15.24 -30.74 -12.29
C GLY B 77 16.35 -30.08 -11.49
N TYR B 78 17.35 -29.55 -12.20
CA TYR B 78 18.46 -28.85 -11.58
C TYR B 78 19.13 -27.94 -12.61
N TRP B 79 20.14 -27.20 -12.17
CA TRP B 79 20.87 -26.30 -13.07
C TRP B 79 22.15 -26.96 -13.58
N PRO B 80 22.18 -27.29 -14.88
CA PRO B 80 23.30 -28.01 -15.49
C PRO B 80 24.27 -27.11 -16.26
N LEU B 81 24.09 -25.79 -16.17
CA LEU B 81 24.86 -24.88 -17.00
C LEU B 81 25.99 -24.16 -16.26
N GLY B 82 26.07 -24.35 -14.95
CA GLY B 82 27.15 -23.78 -14.16
C GLY B 82 26.80 -22.46 -13.51
N ALA B 83 27.67 -22.01 -12.60
CA ALA B 83 27.42 -20.81 -11.81
C ALA B 83 27.50 -19.52 -12.63
N VAL B 84 28.42 -19.49 -13.60
CA VAL B 84 28.59 -18.31 -14.44
C VAL B 84 27.35 -18.03 -15.26
N VAL B 85 26.90 -19.04 -16.01
CA VAL B 85 25.70 -18.94 -16.82
C VAL B 85 24.49 -18.66 -15.93
N CYS B 86 24.51 -19.19 -14.72
CA CYS B 86 23.46 -18.92 -13.74
C CYS B 86 23.36 -17.43 -13.43
N ASP B 87 24.50 -16.84 -13.05
CA ASP B 87 24.56 -15.42 -12.74
C ASP B 87 24.14 -14.56 -13.94
N LEU B 88 24.68 -14.88 -15.11
CA LEU B 88 24.34 -14.15 -16.33
C LEU B 88 22.84 -14.20 -16.61
N TRP B 89 22.26 -15.38 -16.45
CA TRP B 89 20.84 -15.58 -16.70
C TRP B 89 19.97 -14.81 -15.71
N LEU B 90 20.33 -14.86 -14.43
CA LEU B 90 19.57 -14.15 -13.40
C LEU B 90 19.62 -12.65 -13.65
N ALA B 91 20.83 -12.14 -13.91
CA ALA B 91 21.03 -10.74 -14.21
C ALA B 91 20.18 -10.31 -15.40
N LEU B 92 20.30 -11.05 -16.50
CA LEU B 92 19.51 -10.78 -17.71
C LEU B 92 18.01 -10.72 -17.39
N ASP B 93 17.51 -11.78 -16.76
CA ASP B 93 16.11 -11.87 -16.36
C ASP B 93 15.63 -10.64 -15.61
N TYR B 94 16.26 -10.36 -14.47
CA TYR B 94 15.75 -9.32 -13.59
C TYR B 94 15.96 -7.91 -14.16
N VAL B 95 17.08 -7.69 -14.84
CA VAL B 95 17.33 -6.39 -15.46
C VAL B 95 16.32 -6.12 -16.57
N VAL B 96 16.12 -7.10 -17.47
CA VAL B 96 15.20 -6.94 -18.59
C VAL B 96 13.76 -6.78 -18.10
N SER B 97 13.37 -7.59 -17.12
CA SER B 97 12.01 -7.51 -16.57
C SER B 97 11.76 -6.16 -15.88
N ASN B 98 12.75 -5.71 -15.11
CA ASN B 98 12.66 -4.40 -14.46
C ASN B 98 12.54 -3.31 -15.51
N ALA B 99 13.29 -3.47 -16.60
CA ALA B 99 13.22 -2.56 -17.74
C ALA B 99 11.82 -2.55 -18.34
N SER B 100 11.17 -3.71 -18.35
CA SER B 100 9.80 -3.81 -18.83
C SER B 100 8.85 -3.02 -17.94
N VAL B 101 9.00 -3.19 -16.63
CA VAL B 101 8.18 -2.46 -15.67
C VAL B 101 8.34 -0.95 -15.84
N MET B 102 9.60 -0.49 -15.85
CA MET B 102 9.88 0.93 -16.02
C MET B 102 9.38 1.44 -17.36
N ASN B 103 9.41 0.57 -18.36
CA ASN B 103 8.87 0.89 -19.68
C ASN B 103 7.38 1.16 -19.60
N LEU B 104 6.67 0.30 -18.89
CA LEU B 104 5.23 0.46 -18.69
C LEU B 104 4.95 1.76 -17.94
N LEU B 105 5.80 2.08 -16.97
CA LEU B 105 5.71 3.34 -16.25
C LEU B 105 5.83 4.52 -17.20
N ILE B 106 6.84 4.49 -18.06
CA ILE B 106 7.07 5.55 -19.04
C ILE B 106 5.87 5.71 -19.96
N ILE B 107 5.34 4.59 -20.44
CA ILE B 107 4.16 4.62 -21.29
C ILE B 107 2.97 5.27 -20.59
N SER B 108 2.71 4.85 -19.36
CA SER B 108 1.59 5.37 -18.58
C SER B 108 1.70 6.86 -18.34
N PHE B 109 2.86 7.31 -17.87
CA PHE B 109 3.08 8.73 -17.62
C PHE B 109 2.98 9.54 -18.91
N ASP B 110 3.49 8.98 -20.00
CA ASP B 110 3.44 9.65 -21.30
C ASP B 110 2.00 9.87 -21.75
N ARG B 111 1.18 8.82 -21.65
CA ARG B 111 -0.23 8.92 -22.02
C ARG B 111 -0.94 9.92 -21.12
N TYR B 112 -0.64 9.86 -19.82
CA TYR B 112 -1.22 10.77 -18.84
C TYR B 112 -0.95 12.23 -19.19
N PHE B 113 0.32 12.54 -19.47
CA PHE B 113 0.71 13.90 -19.82
C PHE B 113 0.10 14.31 -21.16
N CYS B 114 -0.09 13.34 -22.05
CA CYS B 114 -0.71 13.58 -23.34
C CYS B 114 -2.18 13.99 -23.21
N VAL B 115 -2.91 13.31 -22.33
CA VAL B 115 -4.34 13.56 -22.20
C VAL B 115 -4.67 14.69 -21.23
N THR B 116 -3.76 15.00 -20.32
CA THR B 116 -3.98 16.06 -19.35
C THR B 116 -3.46 17.40 -19.86
N LYS B 117 -2.40 17.35 -20.66
CA LYS B 117 -1.83 18.55 -21.26
C LYS B 117 -1.75 18.39 -22.78
N PRO B 118 -2.91 18.42 -23.46
CA PRO B 118 -2.97 18.10 -24.88
C PRO B 118 -2.58 19.26 -25.80
N LEU B 119 -2.17 20.38 -25.21
CA LEU B 119 -1.78 21.55 -26.00
C LEU B 119 -0.28 21.81 -25.98
N THR B 120 0.34 21.58 -24.83
CA THR B 120 1.76 21.89 -24.66
C THR B 120 2.66 20.66 -24.71
N TYR B 121 2.21 19.57 -24.10
CA TYR B 121 3.03 18.37 -23.99
C TYR B 121 3.32 17.66 -25.33
N PRO B 122 2.29 17.45 -26.18
CA PRO B 122 2.60 16.77 -27.44
C PRO B 122 3.60 17.54 -28.30
N ALA B 123 3.60 18.87 -28.20
CA ALA B 123 4.53 19.70 -28.94
C ALA B 123 5.95 19.52 -28.40
N ARG B 124 6.06 19.29 -27.10
CA ARG B 124 7.35 19.10 -26.46
C ARG B 124 7.69 17.62 -26.31
N ARG B 125 6.95 16.78 -27.03
CA ARG B 125 7.14 15.34 -26.96
C ARG B 125 7.99 14.85 -28.14
N THR B 126 9.29 15.10 -28.07
CA THR B 126 10.20 14.74 -29.14
C THR B 126 10.74 13.33 -28.98
N THR B 127 11.38 12.82 -30.04
CA THR B 127 11.96 11.49 -30.03
C THR B 127 13.22 11.42 -29.16
N LYS B 128 13.91 12.55 -29.03
CA LYS B 128 15.10 12.63 -28.20
C LYS B 128 14.77 12.34 -26.73
N MET B 129 13.72 12.97 -26.23
CA MET B 129 13.27 12.76 -24.86
C MET B 129 12.81 11.32 -24.66
N ALA B 130 12.17 10.77 -25.68
CA ALA B 130 11.71 9.39 -25.65
C ALA B 130 12.89 8.42 -25.49
N GLY B 131 13.89 8.59 -26.35
CA GLY B 131 15.08 7.78 -26.30
C GLY B 131 15.80 7.94 -24.97
N LEU B 132 15.78 9.17 -24.45
CA LEU B 132 16.37 9.45 -23.15
C LEU B 132 15.66 8.66 -22.04
N MET B 133 14.34 8.61 -22.11
CA MET B 133 13.54 7.87 -21.12
C MET B 133 13.79 6.37 -21.21
N ILE B 134 13.84 5.85 -22.43
CA ILE B 134 14.10 4.43 -22.65
C ILE B 134 15.47 4.03 -22.12
N ALA B 135 16.48 4.78 -22.54
CA ALA B 135 17.85 4.58 -22.09
C ALA B 135 17.93 4.66 -20.56
N ALA B 136 17.19 5.61 -20.00
CA ALA B 136 17.15 5.77 -18.55
C ALA B 136 16.57 4.52 -17.89
N ALA B 137 15.51 3.98 -18.47
CA ALA B 137 14.88 2.78 -17.95
C ALA B 137 15.85 1.59 -17.94
N TRP B 138 16.44 1.32 -19.10
CA TRP B 138 17.36 0.19 -19.21
C TRP B 138 18.60 0.34 -18.33
N VAL B 139 19.24 1.50 -18.40
CA VAL B 139 20.44 1.77 -17.62
C VAL B 139 20.16 1.68 -16.12
N LEU B 140 19.07 2.30 -15.68
CA LEU B 140 18.72 2.26 -14.26
C LEU B 140 18.41 0.84 -13.81
N SER B 141 17.75 0.07 -14.68
CA SER B 141 17.45 -1.33 -14.38
C SER B 141 18.74 -2.12 -14.17
N PHE B 142 19.70 -1.92 -15.07
CA PHE B 142 20.99 -2.58 -14.98
C PHE B 142 21.73 -2.19 -13.71
N VAL B 143 21.85 -0.90 -13.46
CA VAL B 143 22.56 -0.38 -12.30
C VAL B 143 21.93 -0.86 -10.99
N LEU B 144 20.60 -1.00 -10.99
CA LEU B 144 19.90 -1.39 -9.78
C LEU B 144 19.94 -2.89 -9.53
N TRP B 145 19.95 -3.69 -10.59
CA TRP B 145 19.85 -5.14 -10.42
C TRP B 145 21.16 -5.91 -10.60
N ALA B 146 21.90 -5.62 -11.66
CA ALA B 146 23.11 -6.38 -11.98
C ALA B 146 24.17 -6.42 -10.85
N PRO B 147 24.46 -5.28 -10.21
CA PRO B 147 25.47 -5.37 -9.13
C PRO B 147 24.99 -6.21 -7.95
N ALA B 148 23.71 -6.11 -7.60
CA ALA B 148 23.16 -6.85 -6.47
C ALA B 148 23.17 -8.35 -6.73
N ILE B 149 23.01 -8.73 -8.00
CA ILE B 149 22.95 -10.14 -8.37
C ILE B 149 24.35 -10.73 -8.55
N LEU B 150 25.26 -9.94 -9.09
CA LEU B 150 26.60 -10.44 -9.41
C LEU B 150 27.61 -10.24 -8.28
N PHE B 151 27.52 -9.11 -7.60
CA PHE B 151 28.57 -8.72 -6.64
C PHE B 151 28.25 -9.02 -5.18
N TRP B 152 27.02 -9.47 -4.88
CA TRP B 152 26.66 -9.73 -3.49
C TRP B 152 27.48 -10.87 -2.90
N GLN B 153 27.76 -11.88 -3.72
CA GLN B 153 28.60 -12.99 -3.32
C GLN B 153 30.01 -12.51 -3.01
N PHE B 154 30.42 -11.45 -3.69
CA PHE B 154 31.73 -10.84 -3.45
C PHE B 154 31.75 -10.10 -2.12
N VAL B 155 30.68 -9.35 -1.86
CA VAL B 155 30.55 -8.60 -0.61
C VAL B 155 30.51 -9.53 0.60
N VAL B 156 29.70 -10.56 0.50
CA VAL B 156 29.57 -11.56 1.57
C VAL B 156 30.88 -12.34 1.73
N GLY B 157 31.55 -12.59 0.61
CA GLY B 157 32.80 -13.32 0.63
C GLY B 157 32.59 -14.80 0.44
N LYS B 158 31.39 -15.17 0.02
CA LYS B 158 31.04 -16.58 -0.17
C LYS B 158 29.79 -16.74 -1.03
N ARG B 159 29.86 -17.65 -1.99
CA ARG B 159 28.70 -18.01 -2.80
C ARG B 159 27.94 -19.15 -2.13
N THR B 160 26.72 -18.87 -1.71
CA THR B 160 25.91 -19.86 -0.99
C THR B 160 25.03 -20.66 -1.96
N VAL B 161 25.14 -20.36 -3.24
CA VAL B 161 24.36 -21.06 -4.26
C VAL B 161 25.06 -22.34 -4.71
N PRO B 162 24.38 -23.49 -4.55
CA PRO B 162 24.91 -24.79 -5.00
C PRO B 162 25.13 -24.82 -6.51
N ASP B 163 26.13 -25.58 -6.95
CA ASP B 163 26.49 -25.62 -8.36
C ASP B 163 25.41 -26.27 -9.22
N ASN B 164 24.55 -27.07 -8.60
CA ASN B 164 23.47 -27.73 -9.32
C ASN B 164 22.17 -26.94 -9.24
N GLN B 165 22.23 -25.76 -8.63
CA GLN B 165 21.06 -24.91 -8.50
C GLN B 165 21.34 -23.49 -9.02
N CYS B 166 20.30 -22.68 -9.09
CA CYS B 166 20.43 -21.32 -9.58
C CYS B 166 19.36 -20.39 -9.01
N PHE B 167 19.78 -19.51 -8.11
CA PHE B 167 18.88 -18.51 -7.53
C PHE B 167 19.68 -17.29 -7.07
N ILE B 168 18.99 -16.18 -6.84
CA ILE B 168 19.64 -14.96 -6.40
C ILE B 168 19.96 -15.01 -4.91
N GLN B 169 21.25 -15.04 -4.60
CA GLN B 169 21.73 -15.11 -3.21
C GLN B 169 21.32 -13.86 -2.45
N PHE B 170 21.22 -12.74 -3.17
CA PHE B 170 20.84 -11.46 -2.61
C PHE B 170 19.41 -11.48 -2.07
N LEU B 171 18.55 -12.27 -2.69
CA LEU B 171 17.14 -12.35 -2.30
C LEU B 171 16.83 -13.57 -1.44
N SER B 172 17.81 -14.00 -0.64
CA SER B 172 17.64 -15.17 0.21
C SER B 172 16.65 -14.92 1.34
N ASN B 173 16.77 -13.75 1.97
CA ASN B 173 15.88 -13.38 3.07
C ASN B 173 14.51 -12.94 2.56
N PRO B 174 13.45 -13.61 3.02
CA PRO B 174 12.06 -13.30 2.63
C PRO B 174 11.69 -11.83 2.81
N ALA B 175 12.21 -11.21 3.85
CA ALA B 175 11.97 -9.79 4.10
C ALA B 175 12.55 -8.94 2.97
N VAL B 176 13.80 -9.21 2.62
CA VAL B 176 14.47 -8.50 1.54
C VAL B 176 13.77 -8.72 0.21
N THR B 177 13.35 -9.96 -0.02
CA THR B 177 12.63 -10.31 -1.24
C THR B 177 11.33 -9.54 -1.35
N PHE B 178 10.63 -9.42 -0.22
CA PHE B 178 9.35 -8.73 -0.20
C PHE B 178 9.50 -7.23 -0.36
N GLY B 179 10.48 -6.64 0.32
CA GLY B 179 10.76 -5.22 0.19
C GLY B 179 11.14 -4.88 -1.24
N THR B 180 11.95 -5.74 -1.83
CA THR B 180 12.36 -5.60 -3.22
C THR B 180 11.13 -5.68 -4.13
N ALA B 181 10.21 -6.60 -3.82
CA ALA B 181 8.99 -6.75 -4.58
C ALA B 181 8.12 -5.49 -4.50
N ILE B 182 8.08 -4.88 -3.32
CA ILE B 182 7.34 -3.64 -3.12
C ILE B 182 7.93 -2.53 -3.96
N ALA B 183 9.25 -2.38 -3.91
CA ALA B 183 9.91 -1.32 -4.66
C ALA B 183 9.84 -1.54 -6.17
N ALA B 184 9.77 -2.80 -6.59
CA ALA B 184 9.86 -3.16 -8.00
C ALA B 184 8.50 -3.43 -8.66
N PHE B 185 7.60 -4.10 -7.93
CA PHE B 185 6.32 -4.48 -8.52
C PHE B 185 5.12 -3.70 -7.99
N TYR B 186 4.92 -3.74 -6.67
CA TYR B 186 3.70 -3.21 -6.07
C TYR B 186 3.51 -1.71 -6.27
N LEU B 187 4.53 -0.93 -5.92
CA LEU B 187 4.47 0.53 -6.08
C LEU B 187 4.25 0.96 -7.54
N PRO B 188 5.02 0.40 -8.49
CA PRO B 188 4.73 0.75 -9.89
C PRO B 188 3.31 0.36 -10.32
N VAL B 189 2.81 -0.77 -9.85
CA VAL B 189 1.46 -1.20 -10.18
C VAL B 189 0.42 -0.20 -9.67
N VAL B 190 0.61 0.25 -8.42
CA VAL B 190 -0.28 1.23 -7.83
C VAL B 190 -0.25 2.54 -8.64
N ILE B 191 0.95 3.01 -8.94
CA ILE B 191 1.12 4.25 -9.70
C ILE B 191 0.48 4.16 -11.08
N MET B 192 0.71 3.05 -11.78
CA MET B 192 0.13 2.84 -13.10
C MET B 192 -1.38 2.73 -13.04
N THR B 193 -1.89 2.22 -11.91
CA THR B 193 -3.32 2.12 -11.70
C THR B 193 -3.94 3.50 -11.57
N VAL B 194 -3.34 4.32 -10.71
CA VAL B 194 -3.79 5.71 -10.54
C VAL B 194 -3.74 6.46 -11.87
N LEU B 195 -2.61 6.34 -12.56
CA LEU B 195 -2.42 6.99 -13.85
C LEU B 195 -3.48 6.58 -14.86
N TYR B 196 -3.76 5.28 -14.94
CA TYR B 196 -4.78 4.80 -15.86
C TYR B 196 -6.15 5.35 -15.49
N ILE B 197 -6.43 5.44 -14.20
CA ILE B 197 -7.70 6.01 -13.74
C ILE B 197 -7.86 7.46 -14.19
N HIS B 198 -6.83 8.27 -13.95
CA HIS B 198 -6.88 9.67 -14.35
C HIS B 198 -6.95 9.84 -15.86
N ILE B 199 -6.27 8.97 -16.59
CA ILE B 199 -6.30 9.00 -18.05
C ILE B 199 -7.70 8.70 -18.57
N SER B 200 -8.30 7.64 -18.03
CA SER B 200 -9.64 7.24 -18.44
C SER B 200 -10.68 8.28 -18.05
N LEU B 201 -10.41 9.00 -16.96
CA LEU B 201 -11.33 10.06 -16.52
C LEU B 201 -11.11 11.36 -17.29
N ALA B 202 -9.97 11.47 -17.96
CA ALA B 202 -9.64 12.69 -18.69
C ALA B 202 -10.36 12.80 -20.04
N SER B 203 -10.87 11.67 -20.53
CA SER B 203 -11.53 11.66 -21.83
C SER B 203 -12.93 12.27 -21.80
N ARG B 204 -13.22 13.15 -22.77
CA ARG B 204 -14.54 13.76 -22.89
C ARG B 204 -15.29 13.25 -24.12
N SER B 205 -16.26 12.39 -23.91
CA SER B 205 -17.11 11.93 -25.02
C SER B 205 -18.30 12.85 -25.24
N ARG B 206 -18.67 13.62 -24.22
CA ARG B 206 -19.79 14.54 -24.32
C ARG B 206 -19.32 16.00 -24.32
N VAL B 207 -18.66 16.39 -25.41
CA VAL B 207 -18.13 17.74 -25.54
C VAL B 207 -19.22 18.81 -25.62
N ASN B 208 -19.14 19.82 -24.78
CA ASN B 208 -20.05 20.96 -24.82
C ASN B 208 -19.31 22.28 -24.88
N ILE B 209 -20.03 23.38 -24.67
CA ILE B 209 -19.43 24.71 -24.70
C ILE B 209 -18.43 24.91 -23.57
N PHE B 210 -18.77 24.40 -22.39
CA PHE B 210 -17.89 24.50 -21.23
C PHE B 210 -16.59 23.73 -21.45
N GLU B 211 -16.71 22.56 -22.05
CA GLU B 211 -15.55 21.75 -22.39
C GLU B 211 -14.73 22.45 -23.48
N MET B 212 -15.44 23.08 -24.40
CA MET B 212 -14.81 23.83 -25.48
C MET B 212 -13.94 24.95 -24.93
N LEU B 213 -14.49 25.69 -23.97
CA LEU B 213 -13.74 26.77 -23.33
C LEU B 213 -12.61 26.21 -22.46
N ARG B 214 -12.84 25.04 -21.88
CA ARG B 214 -11.82 24.37 -21.08
C ARG B 214 -10.61 24.00 -21.93
N ILE B 215 -10.86 23.56 -23.16
CA ILE B 215 -9.80 23.18 -24.08
C ILE B 215 -9.05 24.41 -24.59
N ASP B 216 -9.78 25.46 -24.92
CA ASP B 216 -9.18 26.68 -25.47
C ASP B 216 -8.56 27.56 -24.40
N GLU B 217 -8.60 27.12 -23.15
CA GLU B 217 -8.01 27.86 -22.05
C GLU B 217 -7.31 26.93 -21.05
N GLY B 223 -12.84 17.71 -14.53
CA GLY B 223 -13.35 19.04 -14.29
C GLY B 223 -14.14 19.14 -12.99
N ASP B 224 -13.72 20.05 -12.12
CA ASP B 224 -14.37 20.24 -10.83
C ASP B 224 -15.74 20.90 -10.99
N GLU B 225 -16.40 21.14 -9.86
CA GLU B 225 -17.73 21.76 -9.87
C GLU B 225 -17.62 23.27 -10.09
N ALA B 226 -16.38 23.76 -10.21
CA ALA B 226 -16.18 25.18 -10.39
C ALA B 226 -16.42 25.52 -11.86
N GLU B 227 -16.98 24.55 -12.57
CA GLU B 227 -17.43 24.72 -13.93
C GLU B 227 -18.62 25.66 -13.82
N LYS B 228 -19.25 25.63 -12.64
CA LYS B 228 -20.35 26.55 -12.35
C LYS B 228 -19.88 27.98 -12.47
N LEU B 229 -18.62 28.24 -12.12
CA LEU B 229 -18.07 29.58 -12.30
C LEU B 229 -18.20 29.98 -13.77
N PHE B 230 -17.79 29.07 -14.66
CA PHE B 230 -17.95 29.27 -16.09
C PHE B 230 -19.42 29.51 -16.43
N ASN B 231 -20.31 28.76 -15.78
CA ASN B 231 -21.74 28.90 -15.99
C ASN B 231 -22.18 30.34 -15.81
N GLN B 232 -21.54 31.06 -14.88
CA GLN B 232 -21.84 32.47 -14.73
C GLN B 232 -21.36 33.23 -15.95
N ASP B 233 -20.06 33.15 -16.24
CA ASP B 233 -19.44 33.97 -17.27
C ASP B 233 -20.07 33.69 -18.63
N VAL B 234 -20.30 32.42 -18.92
CA VAL B 234 -20.92 32.01 -20.17
C VAL B 234 -22.27 32.70 -20.28
N ASP B 235 -23.07 32.63 -19.21
CA ASP B 235 -24.37 33.28 -19.21
C ASP B 235 -24.21 34.76 -19.51
N ALA B 236 -23.22 35.38 -18.88
CA ALA B 236 -22.97 36.80 -19.09
C ALA B 236 -22.72 37.04 -20.56
N ALA B 237 -21.89 36.19 -21.16
CA ALA B 237 -21.59 36.30 -22.57
C ALA B 237 -22.87 36.18 -23.35
N VAL B 238 -23.67 35.16 -23.02
CA VAL B 238 -24.95 34.95 -23.69
C VAL B 238 -25.81 36.19 -23.52
N ARG B 239 -25.81 36.74 -22.32
CA ARG B 239 -26.60 37.94 -22.04
C ARG B 239 -26.15 39.05 -22.97
N GLY B 240 -24.84 39.19 -23.12
CA GLY B 240 -24.28 40.21 -23.99
C GLY B 240 -24.73 39.96 -25.41
N ILE B 241 -24.76 38.69 -25.80
CA ILE B 241 -25.20 38.32 -27.13
C ILE B 241 -26.65 38.72 -27.31
N LEU B 242 -27.46 38.51 -26.27
CA LEU B 242 -28.86 38.89 -26.33
C LEU B 242 -28.99 40.41 -26.24
N ARG B 243 -27.98 41.05 -25.65
CA ARG B 243 -27.99 42.51 -25.52
C ARG B 243 -27.63 43.18 -26.84
N ASN B 244 -26.69 42.58 -27.56
CA ASN B 244 -26.23 43.13 -28.83
C ASN B 244 -27.26 42.97 -29.94
N ALA B 245 -27.50 44.04 -30.69
CA ALA B 245 -28.53 44.05 -31.72
C ALA B 245 -28.07 43.34 -32.99
N LYS B 246 -26.77 43.17 -33.14
CA LYS B 246 -26.21 42.55 -34.34
C LYS B 246 -25.93 41.06 -34.11
N LEU B 247 -25.57 40.71 -32.89
CA LEU B 247 -25.22 39.33 -32.55
C LEU B 247 -26.47 38.49 -32.27
N LYS B 248 -27.55 39.15 -31.86
CA LYS B 248 -28.80 38.48 -31.54
C LYS B 248 -29.40 37.71 -32.73
N PRO B 249 -29.54 38.36 -33.91
CA PRO B 249 -30.14 37.61 -35.02
C PRO B 249 -29.27 36.45 -35.49
N VAL B 250 -27.96 36.60 -35.37
CA VAL B 250 -27.04 35.54 -35.76
C VAL B 250 -27.16 34.37 -34.78
N TYR B 251 -27.22 34.69 -33.50
CA TYR B 251 -27.35 33.68 -32.45
C TYR B 251 -28.66 32.91 -32.58
N ASP B 252 -29.73 33.62 -32.94
CA ASP B 252 -31.04 33.00 -33.06
C ASP B 252 -31.11 32.01 -34.22
N SER B 253 -30.32 32.25 -35.26
CA SER B 253 -30.38 31.42 -36.47
C SER B 253 -29.26 30.39 -36.56
N LEU B 254 -28.76 29.95 -35.42
CA LEU B 254 -27.67 28.97 -35.39
C LEU B 254 -27.98 27.78 -34.48
N ASP B 255 -27.40 26.63 -34.83
CA ASP B 255 -27.53 25.43 -34.01
C ASP B 255 -26.65 25.54 -32.78
N ALA B 256 -26.89 24.67 -31.80
CA ALA B 256 -26.21 24.68 -30.51
C ALA B 256 -24.69 24.75 -30.63
N VAL B 257 -24.12 23.95 -31.52
CA VAL B 257 -22.67 23.89 -31.69
C VAL B 257 -22.09 25.20 -32.21
N ARG B 258 -22.70 25.73 -33.27
CA ARG B 258 -22.24 26.98 -33.86
C ARG B 258 -22.52 28.14 -32.91
N ARG B 259 -23.59 28.03 -32.13
CA ARG B 259 -23.88 29.02 -31.10
C ARG B 259 -22.80 28.99 -30.04
N ALA B 260 -22.27 27.80 -29.78
CA ALA B 260 -21.17 27.64 -28.83
C ALA B 260 -19.89 28.24 -29.40
N ALA B 261 -19.73 28.16 -30.72
CA ALA B 261 -18.58 28.78 -31.36
C ALA B 261 -18.67 30.30 -31.27
N LEU B 262 -19.87 30.84 -31.49
CA LEU B 262 -20.11 32.27 -31.36
C LEU B 262 -19.89 32.73 -29.92
N ILE B 263 -20.39 31.94 -28.97
CA ILE B 263 -20.19 32.22 -27.55
C ILE B 263 -18.69 32.22 -27.22
N ASN B 264 -17.94 31.32 -27.85
CA ASN B 264 -16.50 31.28 -27.68
C ASN B 264 -15.85 32.57 -28.18
N MET B 265 -16.27 33.01 -29.37
CA MET B 265 -15.75 34.25 -29.94
C MET B 265 -16.04 35.46 -29.05
N VAL B 266 -17.26 35.53 -28.54
CA VAL B 266 -17.65 36.63 -27.64
C VAL B 266 -16.87 36.55 -26.34
N PHE B 267 -16.60 35.33 -25.89
CA PHE B 267 -15.84 35.09 -24.68
C PHE B 267 -14.40 35.58 -24.83
N GLN B 268 -13.85 35.42 -26.03
CA GLN B 268 -12.45 35.77 -26.28
C GLN B 268 -12.25 37.24 -26.62
N MET B 269 -13.13 37.81 -27.44
CA MET B 269 -12.91 39.16 -27.95
C MET B 269 -13.93 40.18 -27.47
N GLY B 270 -15.05 39.69 -26.96
CA GLY B 270 -16.12 40.56 -26.50
C GLY B 270 -17.17 40.77 -27.57
N GLU B 271 -18.36 41.19 -27.15
CA GLU B 271 -19.49 41.38 -28.07
C GLU B 271 -19.19 42.41 -29.16
N THR B 272 -18.46 43.46 -28.78
CA THR B 272 -18.12 44.53 -29.72
C THR B 272 -17.15 44.01 -30.79
N GLY B 273 -16.14 43.26 -30.35
CA GLY B 273 -15.16 42.69 -31.25
C GLY B 273 -15.77 41.73 -32.26
N VAL B 274 -16.72 40.91 -31.80
CA VAL B 274 -17.37 39.94 -32.65
C VAL B 274 -18.37 40.63 -33.58
N ALA B 275 -18.95 41.74 -33.12
CA ALA B 275 -19.86 42.51 -33.93
C ALA B 275 -19.16 43.14 -35.14
N GLY B 276 -17.83 43.22 -35.05
CA GLY B 276 -17.03 43.78 -36.14
C GLY B 276 -16.94 42.85 -37.33
N PHE B 277 -17.16 41.56 -37.12
CA PHE B 277 -17.10 40.59 -38.19
C PHE B 277 -18.38 40.58 -39.02
N THR B 278 -18.69 41.73 -39.62
CA THR B 278 -19.95 41.91 -40.35
C THR B 278 -20.12 40.90 -41.47
N ASN B 279 -19.10 40.79 -42.32
CA ASN B 279 -19.12 39.85 -43.44
C ASN B 279 -19.34 38.42 -42.98
N SER B 280 -18.58 38.01 -41.97
CA SER B 280 -18.66 36.66 -41.43
C SER B 280 -20.00 36.38 -40.78
N LEU B 281 -20.51 37.38 -40.05
CA LEU B 281 -21.81 37.23 -39.38
C LEU B 281 -22.94 37.08 -40.39
N ARG B 282 -22.95 37.93 -41.40
CA ARG B 282 -23.97 37.84 -42.44
C ARG B 282 -23.84 36.56 -43.26
N MET B 283 -22.61 36.09 -43.43
CA MET B 283 -22.38 34.82 -44.12
C MET B 283 -22.92 33.66 -43.29
N LEU B 284 -22.81 33.77 -41.97
CA LEU B 284 -23.32 32.75 -41.07
C LEU B 284 -24.85 32.76 -41.05
N GLN B 285 -25.41 33.97 -41.12
CA GLN B 285 -26.86 34.14 -41.19
C GLN B 285 -27.45 33.48 -42.42
N GLN B 286 -26.76 33.62 -43.54
CA GLN B 286 -27.19 33.02 -44.81
C GLN B 286 -26.76 31.56 -44.90
N LYS B 287 -26.25 31.03 -43.79
CA LYS B 287 -25.84 29.63 -43.69
C LYS B 287 -24.78 29.25 -44.71
N ARG B 288 -23.95 30.22 -45.08
CA ARG B 288 -22.81 29.98 -45.97
C ARG B 288 -21.58 29.65 -45.15
N TRP B 289 -21.45 28.39 -44.74
CA TRP B 289 -20.42 27.99 -43.79
C TRP B 289 -19.01 28.09 -44.35
N ASP B 290 -18.84 27.68 -45.61
CA ASP B 290 -17.52 27.72 -46.25
C ASP B 290 -17.04 29.15 -46.41
N GLU B 291 -17.89 30.00 -46.98
CA GLU B 291 -17.56 31.40 -47.19
C GLU B 291 -17.28 32.10 -45.86
N ALA B 292 -18.08 31.77 -44.85
CA ALA B 292 -17.89 32.33 -43.52
C ALA B 292 -16.56 31.89 -42.92
N ALA B 293 -16.17 30.65 -43.18
CA ALA B 293 -14.92 30.12 -42.66
C ALA B 293 -13.72 30.78 -43.33
N VAL B 294 -13.84 31.00 -44.64
CA VAL B 294 -12.77 31.64 -45.40
C VAL B 294 -12.64 33.10 -44.99
N ASN B 295 -13.78 33.74 -44.76
CA ASN B 295 -13.80 35.14 -44.34
C ASN B 295 -13.30 35.29 -42.91
N LEU B 296 -13.48 34.26 -42.10
CA LEU B 296 -12.99 34.27 -40.73
C LEU B 296 -11.50 33.94 -40.68
N ALA B 297 -11.01 33.27 -41.71
CA ALA B 297 -9.59 32.94 -41.79
C ALA B 297 -8.74 34.14 -42.21
N LYS B 298 -9.39 35.15 -42.78
CA LYS B 298 -8.71 36.34 -43.26
C LYS B 298 -8.55 37.41 -42.19
N SER B 299 -9.12 37.17 -41.02
CA SER B 299 -9.18 38.18 -39.96
C SER B 299 -7.90 38.25 -39.14
N ARG B 300 -7.73 39.36 -38.43
CA ARG B 300 -6.59 39.55 -37.54
C ARG B 300 -6.69 38.63 -36.32
N TRP B 301 -7.93 38.28 -35.95
CA TRP B 301 -8.17 37.35 -34.86
C TRP B 301 -7.52 36.01 -35.15
N TYR B 302 -7.54 35.62 -36.43
CA TYR B 302 -6.92 34.39 -36.88
C TYR B 302 -5.40 34.50 -36.81
N ASN B 303 -4.90 35.73 -36.82
CA ASN B 303 -3.46 35.97 -36.81
C ASN B 303 -2.89 36.06 -35.40
N GLN B 304 -3.68 36.57 -34.46
CA GLN B 304 -3.23 36.72 -33.08
C GLN B 304 -3.24 35.38 -32.34
N THR B 305 -4.36 34.66 -32.44
CA THR B 305 -4.50 33.34 -31.84
C THR B 305 -4.88 32.30 -32.89
N PRO B 306 -3.91 31.82 -33.67
CA PRO B 306 -4.15 30.95 -34.82
C PRO B 306 -4.83 29.61 -34.50
N ASN B 307 -4.37 28.89 -33.49
CA ASN B 307 -4.90 27.57 -33.18
C ASN B 307 -6.37 27.60 -32.72
N ARG B 308 -6.64 28.45 -31.73
CA ARG B 308 -7.99 28.61 -31.20
C ARG B 308 -8.93 29.06 -32.31
N ALA B 309 -8.46 29.97 -33.14
CA ALA B 309 -9.24 30.45 -34.28
C ALA B 309 -9.53 29.32 -35.26
N LYS B 310 -8.55 28.44 -35.45
CA LYS B 310 -8.72 27.29 -36.33
C LYS B 310 -9.82 26.37 -35.79
N ARG B 311 -9.77 26.11 -34.49
CA ARG B 311 -10.78 25.25 -33.86
C ARG B 311 -12.18 25.86 -33.95
N VAL B 312 -12.29 27.14 -33.65
CA VAL B 312 -13.57 27.84 -33.68
C VAL B 312 -14.14 27.88 -35.10
N ILE B 313 -13.30 28.22 -36.06
CA ILE B 313 -13.69 28.27 -37.47
C ILE B 313 -14.15 26.90 -37.95
N THR B 314 -13.42 25.86 -37.57
CA THR B 314 -13.80 24.49 -37.91
C THR B 314 -15.16 24.15 -37.32
N THR B 315 -15.36 24.53 -36.07
CA THR B 315 -16.65 24.38 -35.41
C THR B 315 -17.78 25.08 -36.17
N PHE B 316 -17.50 26.27 -36.68
CA PHE B 316 -18.49 27.01 -37.47
C PHE B 316 -18.78 26.32 -38.80
N ARG B 317 -17.75 25.73 -39.40
CA ARG B 317 -17.87 25.08 -40.69
C ARG B 317 -18.66 23.79 -40.62
N THR B 318 -18.18 22.85 -39.80
CA THR B 318 -18.79 21.53 -39.73
C THR B 318 -20.06 21.51 -38.89
N GLY B 319 -20.08 22.30 -37.82
CA GLY B 319 -21.20 22.30 -36.91
C GLY B 319 -21.11 21.14 -35.95
N THR B 320 -19.91 20.57 -35.85
CA THR B 320 -19.65 19.44 -34.97
C THR B 320 -18.50 19.76 -34.01
N TRP B 321 -18.24 18.83 -33.09
CA TRP B 321 -17.16 19.00 -32.12
C TRP B 321 -15.90 18.26 -32.54
N ASP B 322 -15.73 18.04 -33.84
CA ASP B 322 -14.60 17.29 -34.35
C ASP B 322 -13.27 17.97 -34.05
N ALA B 323 -13.30 19.28 -33.83
CA ALA B 323 -12.10 20.04 -33.50
C ALA B 323 -11.85 20.04 -32.00
N TYR B 324 -12.69 19.34 -31.25
CA TYR B 324 -12.58 19.32 -29.79
C TYR B 324 -12.71 17.92 -29.21
N GLN B 325 -13.23 16.99 -30.00
CA GLN B 325 -13.35 15.60 -29.57
C GLN B 325 -12.03 14.86 -29.80
N MET B 326 -11.69 13.97 -28.88
CA MET B 326 -10.50 13.14 -29.03
C MET B 326 -10.75 12.07 -30.09
N ALA B 327 -9.77 11.90 -30.99
CA ALA B 327 -9.89 10.94 -32.08
C ALA B 327 -10.04 9.52 -31.54
N ALA B 328 -10.78 8.69 -32.28
CA ALA B 328 -11.04 7.31 -31.88
C ALA B 328 -9.74 6.50 -31.80
N ARG B 329 -8.77 6.89 -32.61
CA ARG B 329 -7.47 6.23 -32.61
C ARG B 329 -6.79 6.35 -31.25
N GLU B 330 -6.86 7.55 -30.67
CA GLU B 330 -6.29 7.81 -29.36
C GLU B 330 -7.01 7.00 -28.29
N ARG B 331 -8.32 6.86 -28.45
CA ARG B 331 -9.12 6.02 -27.56
C ARG B 331 -8.65 4.58 -27.63
N LYS B 332 -8.32 4.14 -28.85
CA LYS B 332 -7.82 2.78 -29.02
C LYS B 332 -6.41 2.66 -28.46
N VAL B 333 -5.70 3.79 -28.36
CA VAL B 333 -4.37 3.79 -27.78
C VAL B 333 -4.49 3.58 -26.28
N THR B 334 -5.44 4.30 -25.67
CA THR B 334 -5.74 4.15 -24.26
C THR B 334 -6.18 2.72 -23.95
N ARG B 335 -6.99 2.15 -24.85
CA ARG B 335 -7.46 0.79 -24.69
C ARG B 335 -6.30 -0.20 -24.77
N THR B 336 -5.39 0.06 -25.73
CA THR B 336 -4.19 -0.76 -25.87
C THR B 336 -3.36 -0.76 -24.58
N ILE B 337 -3.11 0.43 -24.05
CA ILE B 337 -2.36 0.58 -22.81
C ILE B 337 -3.05 -0.14 -21.66
N PHE B 338 -4.37 -0.02 -21.58
CA PHE B 338 -5.13 -0.76 -20.57
C PHE B 338 -4.96 -2.27 -20.71
N ALA B 339 -4.94 -2.75 -21.95
CA ALA B 339 -4.76 -4.17 -22.21
C ALA B 339 -3.39 -4.65 -21.75
N ILE B 340 -2.35 -3.90 -22.10
CA ILE B 340 -0.99 -4.23 -21.71
C ILE B 340 -0.85 -4.24 -20.18
N LEU B 341 -1.38 -3.20 -19.54
CA LEU B 341 -1.34 -3.10 -18.09
C LEU B 341 -2.07 -4.26 -17.42
N LEU B 342 -3.23 -4.61 -17.97
CA LEU B 342 -4.02 -5.71 -17.44
C LEU B 342 -3.27 -7.04 -17.56
N ALA B 343 -2.65 -7.26 -18.71
CA ALA B 343 -1.85 -8.47 -18.92
C ALA B 343 -0.72 -8.55 -17.91
N PHE B 344 -0.02 -7.43 -17.74
CA PHE B 344 1.08 -7.34 -16.78
C PHE B 344 0.62 -7.70 -15.37
N ILE B 345 -0.40 -7.00 -14.89
CA ILE B 345 -0.94 -7.24 -13.55
C ILE B 345 -1.39 -8.68 -13.35
N LEU B 346 -2.23 -9.17 -14.26
CA LEU B 346 -2.76 -10.53 -14.17
C LEU B 346 -1.66 -11.59 -14.17
N THR B 347 -0.66 -11.43 -15.02
CA THR B 347 0.38 -12.45 -15.16
C THR B 347 1.43 -12.39 -14.04
N TRP B 348 1.69 -11.21 -13.50
CA TRP B 348 2.75 -11.06 -12.51
C TRP B 348 2.27 -11.10 -11.06
N THR B 349 0.99 -10.83 -10.84
CA THR B 349 0.43 -10.78 -9.48
C THR B 349 0.66 -12.06 -8.65
N PRO B 350 0.34 -13.26 -9.20
CA PRO B 350 0.45 -14.46 -8.36
C PRO B 350 1.83 -14.67 -7.73
N TYR B 351 2.89 -14.49 -8.51
CA TYR B 351 4.24 -14.69 -8.02
C TYR B 351 4.59 -13.74 -6.88
N ASN B 352 4.22 -12.47 -7.02
CA ASN B 352 4.51 -11.49 -5.99
C ASN B 352 3.65 -11.70 -4.74
N VAL B 353 2.46 -12.27 -4.94
CA VAL B 353 1.62 -12.68 -3.81
C VAL B 353 2.31 -13.82 -3.08
N MET B 354 2.93 -14.73 -3.83
CA MET B 354 3.72 -15.80 -3.24
C MET B 354 4.90 -15.21 -2.47
N VAL B 355 5.48 -14.15 -2.99
CA VAL B 355 6.56 -13.44 -2.31
C VAL B 355 6.05 -12.87 -0.98
N LEU B 356 4.82 -12.38 -0.98
CA LEU B 356 4.20 -11.87 0.23
C LEU B 356 3.96 -12.97 1.27
N VAL B 357 3.39 -14.09 0.83
CA VAL B 357 3.10 -15.21 1.72
C VAL B 357 4.39 -15.81 2.28
N ASN B 358 5.44 -15.79 1.48
CA ASN B 358 6.74 -16.37 1.85
C ASN B 358 7.38 -15.67 3.04
N THR B 359 6.86 -14.50 3.40
CA THR B 359 7.41 -13.71 4.50
C THR B 359 7.08 -14.31 5.86
N PHE B 360 5.98 -15.06 5.94
CA PHE B 360 5.57 -15.67 7.20
C PHE B 360 5.39 -17.18 7.08
N CYS B 361 5.13 -17.66 5.86
CA CYS B 361 4.96 -19.08 5.63
C CYS B 361 5.65 -19.53 4.34
N GLN B 362 6.84 -20.10 4.48
CA GLN B 362 7.59 -20.60 3.34
C GLN B 362 7.12 -21.98 2.91
N SER B 363 6.55 -22.73 3.86
CA SER B 363 6.14 -24.11 3.61
C SER B 363 4.77 -24.19 2.94
N CYS B 364 4.02 -23.10 2.98
CA CYS B 364 2.69 -23.07 2.40
C CYS B 364 2.73 -23.00 0.88
N ILE B 365 3.91 -22.74 0.33
CA ILE B 365 4.07 -22.63 -1.12
C ILE B 365 5.07 -23.65 -1.65
N PRO B 366 4.56 -24.75 -2.23
CA PRO B 366 5.42 -25.79 -2.83
C PRO B 366 6.16 -25.30 -4.07
N ASP B 367 7.20 -26.02 -4.45
CA ASP B 367 8.06 -25.64 -5.56
C ASP B 367 7.31 -25.55 -6.88
N THR B 368 6.30 -26.40 -7.03
CA THR B 368 5.49 -26.42 -8.25
C THR B 368 4.76 -25.08 -8.44
N VAL B 369 4.15 -24.58 -7.37
CA VAL B 369 3.45 -23.31 -7.40
C VAL B 369 4.40 -22.15 -7.71
N TRP B 370 5.57 -22.16 -7.06
CA TRP B 370 6.61 -21.18 -7.33
C TRP B 370 7.00 -21.16 -8.81
N SER B 371 7.23 -22.34 -9.36
CA SER B 371 7.63 -22.48 -10.75
C SER B 371 6.54 -22.00 -11.70
N ILE B 372 5.30 -22.37 -11.40
CA ILE B 372 4.16 -21.94 -12.21
C ILE B 372 4.02 -20.43 -12.22
N GLY B 373 4.19 -19.79 -11.06
CA GLY B 373 4.12 -18.34 -10.98
C GLY B 373 5.24 -17.66 -11.73
N TYR B 374 6.46 -18.10 -11.45
CA TYR B 374 7.66 -17.56 -12.09
C TYR B 374 7.55 -17.64 -13.60
N TRP B 375 7.07 -18.78 -14.10
CA TRP B 375 6.88 -18.93 -15.54
C TRP B 375 5.73 -18.07 -16.03
N LEU B 376 4.71 -17.90 -15.19
CA LEU B 376 3.53 -17.12 -15.56
C LEU B 376 3.92 -15.67 -15.80
N CYS B 377 4.94 -15.21 -15.08
CA CYS B 377 5.46 -13.86 -15.31
C CYS B 377 5.98 -13.65 -16.73
N TYR B 378 6.46 -14.74 -17.35
CA TYR B 378 6.99 -14.67 -18.72
C TYR B 378 5.90 -14.43 -19.77
N VAL B 379 4.71 -14.97 -19.51
CA VAL B 379 3.62 -15.01 -20.50
C VAL B 379 3.19 -13.60 -20.95
N ASN B 380 3.41 -12.62 -20.09
CA ASN B 380 3.12 -11.23 -20.40
C ASN B 380 3.76 -10.79 -21.71
N SER B 381 5.02 -11.19 -21.87
CA SER B 381 5.80 -10.91 -23.07
C SER B 381 5.17 -11.54 -24.30
N THR B 382 4.44 -12.64 -24.10
CA THR B 382 3.75 -13.31 -25.19
C THR B 382 2.44 -12.60 -25.51
N ILE B 383 1.79 -12.08 -24.47
CA ILE B 383 0.48 -11.44 -24.63
C ILE B 383 0.58 -10.06 -25.30
N ASN B 384 1.61 -9.28 -24.95
CA ASN B 384 1.74 -7.92 -25.47
C ASN B 384 1.63 -7.78 -27.00
N PRO B 385 2.35 -8.61 -27.78
CA PRO B 385 2.21 -8.48 -29.24
C PRO B 385 0.79 -8.79 -29.72
N ALA B 386 0.12 -9.70 -29.03
CA ALA B 386 -1.27 -10.03 -29.35
C ALA B 386 -2.16 -8.81 -29.10
N CYS B 387 -1.84 -8.07 -28.05
CA CYS B 387 -2.54 -6.83 -27.75
C CYS B 387 -2.32 -5.82 -28.87
N TYR B 388 -1.09 -5.79 -29.39
CA TYR B 388 -0.76 -4.93 -30.52
C TYR B 388 -1.56 -5.30 -31.77
N ALA B 389 -1.66 -6.60 -32.03
CA ALA B 389 -2.32 -7.10 -33.22
C ALA B 389 -3.85 -7.07 -33.11
N LEU B 390 -4.35 -6.93 -31.89
CA LEU B 390 -5.80 -6.97 -31.67
C LEU B 390 -6.37 -5.55 -31.53
N CYS B 391 -5.62 -4.68 -30.86
CA CYS B 391 -6.10 -3.33 -30.58
C CYS B 391 -5.75 -2.35 -31.70
N ASN B 392 -5.00 -2.81 -32.70
CA ASN B 392 -4.59 -1.96 -33.81
C ASN B 392 -4.70 -2.69 -35.15
N ALA B 393 -5.18 -1.97 -36.16
CA ALA B 393 -5.39 -2.57 -37.49
C ALA B 393 -4.21 -2.31 -38.41
N THR B 394 -3.43 -1.27 -38.12
CA THR B 394 -2.25 -0.96 -38.92
C THR B 394 -1.16 -2.01 -38.70
N PHE B 395 -1.02 -2.42 -37.44
CA PHE B 395 -0.06 -3.47 -37.08
C PHE B 395 -0.44 -4.78 -37.75
N LYS B 396 -1.74 -5.02 -37.89
CA LYS B 396 -2.23 -6.25 -38.53
C LYS B 396 -1.90 -6.27 -40.02
N LYS B 397 -2.19 -5.17 -40.70
CA LYS B 397 -1.90 -5.04 -42.11
C LYS B 397 -0.40 -5.11 -42.37
N THR B 398 0.38 -4.53 -41.47
CA THR B 398 1.83 -4.56 -41.60
C THR B 398 2.37 -5.97 -41.37
N PHE B 399 1.76 -6.68 -40.42
CA PHE B 399 2.09 -8.09 -40.18
C PHE B 399 1.85 -8.91 -41.45
N ARG B 400 0.66 -8.77 -42.00
CA ARG B 400 0.29 -9.48 -43.22
C ARG B 400 1.21 -9.13 -44.39
N HIS B 401 1.65 -7.88 -44.44
CA HIS B 401 2.55 -7.43 -45.50
C HIS B 401 3.97 -7.96 -45.30
N LEU B 402 4.34 -8.22 -44.05
CA LEU B 402 5.68 -8.71 -43.75
C LEU B 402 5.76 -10.21 -43.93
N LEU B 403 4.67 -10.90 -43.65
CA LEU B 403 4.60 -12.36 -43.76
C LEU B 403 4.64 -12.81 -45.22
N LEU B 404 4.38 -11.89 -46.13
CA LEU B 404 4.36 -12.21 -47.55
C LEU B 404 5.53 -11.56 -48.30
N CYS B 405 6.50 -11.08 -47.54
CA CYS B 405 7.70 -10.46 -48.10
C CYS B 405 7.40 -9.31 -49.06
N GLN B 406 6.45 -8.46 -48.67
CA GLN B 406 6.10 -7.29 -49.49
C GLN B 406 7.11 -6.16 -49.26
N TYR B 407 7.84 -6.25 -48.15
CA TYR B 407 8.87 -5.26 -47.83
C TYR B 407 10.26 -5.79 -48.17
N ARG B 408 10.32 -6.81 -49.01
CA ARG B 408 11.59 -7.40 -49.41
C ARG B 408 12.24 -6.61 -50.54
C28 0HK C . -9.25 8.84 11.49
O29 0HK C . -9.18 9.22 12.65
C31 0HK C . -11.21 8.32 10.12
C32 0HK C . -9.44 6.66 10.37
C34 0HK C . -11.41 9.63 9.78
C35 0HK C . -12.40 9.93 8.88
C36 0HK C . -13.15 8.91 8.35
C41 0HK C . -9.09 6.64 9.03
C42 0HK C . -8.40 5.59 8.54
C43 0HK C . -8.05 4.56 9.38
O10 0HK C . -5.70 8.01 7.97
O11 0HK C . -8.46 9.40 10.47
O33 0HK C . -10.81 7.27 12.22
S37 0HK C . -12.44 7.48 9.15
S44 0HK C . -8.75 5.12 10.94
C1 0HK C . -4.39 11.54 9.97
C3 0HK C . -6.05 10.49 8.65
C4 0HK C . -7.16 11.09 9.46
C5 0HK C . -7.41 10.32 10.73
C6 0HK C . -6.19 9.61 11.27
C7 0HK C . -5.21 9.28 10.18
C8 0HK C . -5.98 8.26 9.34
C9 0HK C . -6.55 9.10 8.29
C12 0HK C . -3.68 10.05 8.48
C30 0HK C . -10.20 7.74 11.08
N2 0HK C . -4.83 10.35 9.33
C1 OLA D . 5.05 19.91 -9.69
O1 OLA D . 4.62 20.99 -10.17
O2 OLA D . 6.01 19.94 -8.90
C2 OLA D . 4.39 18.60 -10.05
C3 OLA D . 5.37 17.46 -9.80
C4 OLA D . 4.83 16.49 -8.75
C5 OLA D . 5.78 15.33 -8.54
C6 OLA D . 6.54 15.46 -7.23
C7 OLA D . 6.78 14.10 -6.59
C8 OLA D . 6.92 14.21 -5.08
C9 OLA D . 6.84 12.83 -4.47
C10 OLA D . 6.51 12.66 -3.04
C1 OLA E . 6.41 23.17 -4.27
O1 OLA E . 6.92 24.12 -3.62
O2 OLA E . 5.59 23.43 -5.17
C2 OLA E . 6.80 21.75 -3.97
C3 OLA E . 6.93 21.55 -2.45
C4 OLA E . 8.11 20.66 -2.11
C5 OLA E . 8.11 19.40 -2.97
C6 OLA E . 8.48 18.16 -2.16
C7 OLA E . 7.63 16.98 -2.58
C8 OLA E . 7.87 15.75 -1.71
C9 OLA E . 7.79 16.13 -0.25
C10 OLA E . 8.34 15.21 0.76
C11 OLA E . 8.20 13.72 0.58
C12 OLA E . 8.97 12.99 1.68
O20 EDT F . 7.07 45.98 -0.39
C5 EDT F . 7.95 46.46 0.38
O19 EDT F . 7.71 47.35 1.21
C4 EDT F . 9.36 45.92 0.28
N3 EDT F . 10.22 46.91 -0.39
C2 EDT F . 10.01 46.85 -1.84
C1 EDT F . 10.02 48.23 -2.45
O18 EDT F . 9.30 49.11 -1.92
O17 EDT F . 10.74 48.44 -3.44
C6 EDT F . 11.63 46.68 -0.03
C7 EDT F . 12.41 45.84 -1.04
N8 EDT F . 12.04 44.42 -1.00
C9 EDT F . 12.90 43.70 -1.94
C10 EDT F . 12.54 44.04 -3.36
O16 EDT F . 13.35 44.70 -4.05
O15 EDT F . 11.44 43.64 -3.81
C11 EDT F . 12.24 43.88 0.35
C12 EDT F . 11.30 42.72 0.57
O13 EDT F . 10.24 42.92 1.21
O14 EDT F . 11.61 41.60 0.11
O1 P6G G . -13.45 14.68 2.38
C2 P6G G . -13.10 14.81 3.76
C3 P6G G . -12.02 13.80 4.10
O4 P6G G . -10.77 14.21 3.52
C5 P6G G . -9.75 13.25 3.77
C6 P6G G . -8.42 13.76 3.22
O7 P6G G . -7.86 14.72 4.12
C8 P6G G . -6.72 15.36 3.54
C9 P6G G . -6.12 16.32 4.55
O10 P6G G . -7.17 16.99 5.24
C11 P6G G . -6.69 17.95 6.17
C12 P6G G . -7.84 18.34 7.08
O13 P6G G . -9.00 18.59 6.28
C14 P6G G . -10.20 18.27 6.97
C15 P6G G . -11.39 18.43 6.03
O16 P6G G . -12.55 17.86 6.62
C17 P6G G . -13.69 17.99 5.77
C18 P6G G . -14.85 17.20 6.38
O19 P6G G . -14.43 15.85 6.60
C18 OLC H . -0.65 3.06 -0.65
C10 OLC H . 5.51 -2.34 5.12
C9 OLC H . 5.68 -3.61 5.50
C17 OLC H . 0.21 1.82 -0.54
C11 OLC H . 5.08 -2.04 3.70
C8 OLC H . 6.12 -3.92 6.92
C24 OLC H . 12.14 -9.87 14.96
C16 OLC H . 0.82 1.71 0.86
C12 OLC H . 4.02 -0.93 3.71
C7 OLC H . 5.20 -4.99 7.51
C15 OLC H . 1.80 0.55 0.91
C13 OLC H . 3.50 -0.68 2.31
C6 OLC H . 5.54 -5.28 8.96
C14 OLC H . 2.45 0.43 2.29
C5 OLC H . 6.58 -6.39 9.09
C4 OLC H . 6.82 -6.70 10.57
C3 OLC H . 7.64 -7.97 10.77
C2 OLC H . 9.00 -7.90 10.08
C21 OLC H . 11.41 -9.59 12.59
C1 OLC H . 9.94 -8.91 10.70
C22 OLC H . 12.23 -8.98 13.72
O19 OLC H . 10.09 -10.01 10.19
O25 OLC H . 12.94 -11.04 14.77
O23 OLC H . 13.60 -8.89 13.32
O20 OLC H . 10.67 -8.58 11.92
C10 OLC I . -16.63 -7.22 17.50
C9 OLC I . -16.65 -8.20 18.39
C11 OLC I . -17.66 -6.12 17.58
C8 OLC I . -15.63 -9.31 18.31
C24 OLC I . -11.96 -18.54 25.73
C7 OLC I . -15.06 -9.57 19.71
C6 OLC I . -14.35 -10.92 19.76
C5 OLC I . -13.90 -11.23 21.18
C4 OLC I . -13.46 -12.68 21.32
C3 OLC I . -13.13 -13.00 22.78
C2 OLC I . -12.91 -14.48 23.00
C21 OLC I . -11.78 -16.11 26.29
C1 OLC I . -12.78 -14.72 24.49
C22 OLC I . -11.97 -17.52 26.86
O19 OLC I . -13.00 -13.82 25.28
O25 OLC I . -13.01 -18.23 24.80
O23 OLC I . -10.90 -17.80 27.78
O20 OLC I . -12.38 -16.03 25.00
C18 OLC J . -10.94 -1.25 10.58
C10 OLC J . -14.49 0.87 2.51
C9 OLC J . -15.59 0.29 2.01
C17 OLC J . -12.04 -1.22 9.53
C11 OLC J . -14.58 2.15 3.29
C8 OLC J . -16.95 0.91 2.22
C24 OLC J . -20.06 11.12 -2.42
C16 OLC J . -11.89 -0.02 8.61
C12 OLC J . -13.52 2.17 4.38
C7 OLC J . -17.57 1.25 0.87
C15 OLC J . -12.91 -0.06 7.48
C13 OLC J . -13.75 1.05 5.39
C6 OLC J . -19.03 1.66 1.03
C14 OLC J . -12.71 1.10 6.51
C5 OLC J . -19.55 2.38 -0.22
C4 OLC J . -21.02 2.74 -0.06
C3 OLC J . -21.37 3.98 -0.88
C2 OLC J . -20.55 5.18 -0.42
C21 OLC J . -20.73 8.84 -1.68
C1 OLC J . -21.07 6.44 -1.07
C22 OLC J . -19.68 9.94 -1.53
O19 OLC J . -22.15 6.46 -1.63
O25 OLC J . -20.20 10.68 -3.77
O23 OLC J . -19.63 10.36 -0.16
O20 OLC J . -20.27 7.65 -1.03
C1 OLA K . 2.45 14.58 -11.99
O1 OLA K . 3.23 15.50 -11.67
O2 OLA K . 1.23 14.85 -12.15
C2 OLA K . 2.95 13.17 -12.19
C3 OLA K . 3.96 12.82 -11.09
C4 OLA K . 3.43 11.72 -10.19
C5 OLA K . 4.43 11.34 -9.11
C6 OLA K . 4.32 9.87 -8.74
C7 OLA K . 5.70 9.24 -8.60
C8 OLA K . 6.16 9.21 -7.15
C9 OLA K . 7.41 8.39 -7.04
C10 OLA K . 7.83 7.79 -5.77
C11 OLA K . 7.65 8.55 -4.47
C12 OLA K . 8.31 7.77 -3.33
C13 OLA K . 7.90 6.31 -3.35
C14 OLA K . 7.84 5.73 -1.95
C15 OLA K . 6.51 6.05 -1.27
C16 OLA K . 6.35 5.28 0.04
C17 OLA K . 6.61 3.79 -0.16
C18 OLA K . 6.23 3.00 1.08
C28 0HK L . 8.90 -10.00 -9.81
O29 0HK L . 7.70 -10.19 -9.87
C31 0HK L . 10.23 -9.41 -7.84
C32 0HK L . 10.45 -8.08 -9.89
C34 0HK L . 10.25 -10.70 -7.39
C35 0HK L . 10.99 -11.00 -6.28
C36 0HK L . 11.71 -10.00 -5.67
C41 0HK L . 11.79 -8.33 -10.06
C42 0HK L . 12.53 -7.55 -10.89
C43 0HK L . 11.91 -6.51 -11.54
O10 0HK L . 12.83 -10.82 -13.06
O11 0HK L . 9.82 -10.83 -10.47
O33 0HK L . 8.43 -8.06 -8.61
S37 0HK L . 11.31 -8.58 -6.69
S44 0HK L . 10.21 -6.67 -10.95
C1 0HK L . 10.09 -13.99 -13.85
C3 0HK L . 11.49 -12.90 -12.27
C4 0HK L . 10.45 -13.00 -11.19
C5 0HK L . 9.41 -11.90 -11.30
C6 0HK L . 9.19 -11.42 -12.72
C7 0HK L . 10.42 -11.61 -13.57
C8 0HK L . 11.42 -10.65 -12.93
C9 0HK L . 12.16 -11.55 -12.03
C12 0HK L . 11.98 -13.12 -14.62
C30 0HK L . 9.48 -8.85 -9.02
N2 0HK L . 10.98 -12.91 -13.58
C10 OLC M . -0.18 -5.66 0.79
C9 OLC M . 1.00 -5.19 1.16
C8 OLC M . 1.13 -4.41 2.45
C24 OLC M . 8.29 -13.35 9.98
C7 OLC M . 2.35 -4.88 3.23
C6 OLC M . 2.20 -6.30 3.76
C5 OLC M . 3.31 -6.62 4.75
C4 OLC M . 3.18 -8.01 5.34
C3 OLC M . 4.42 -8.33 6.18
C2 OLC M . 4.26 -9.61 6.98
C21 OLC M . 7.02 -11.45 8.97
C1 OLC M . 5.59 -9.93 7.64
C22 OLC M . 6.92 -12.70 9.85
O19 OLC M . 6.55 -9.23 7.43
O25 OLC M . 8.16 -14.63 10.60
O23 OLC M . 6.46 -12.32 11.15
O20 OLC M . 5.72 -11.07 8.54
C1 OLA N . 15.96 4.82 -28.70
O1 OLA N . 15.33 5.87 -28.98
O2 OLA N . 15.42 3.72 -28.90
C2 OLA N . 17.36 4.90 -28.13
C3 OLA N . 17.78 3.54 -27.58
C4 OLA N . 18.53 3.67 -26.27
C5 OLA N . 19.28 2.39 -25.94
C6 OLA N . 19.43 2.22 -24.43
C7 OLA N . 18.99 0.82 -24.00
C8 OLA N . 20.16 -0.03 -23.53
C9 OLA N . 20.87 0.67 -22.39
C10 OLA N . 21.89 -0.05 -21.61
C11 OLA N . 21.66 -1.48 -21.19
C12 OLA N . 22.61 -1.84 -20.05
C13 OLA N . 24.06 -1.71 -20.47
C14 OLA N . 24.97 -2.60 -19.63
C15 OLA N . 25.64 -3.69 -20.45
C16 OLA N . 24.62 -4.50 -21.23
C17 OLA N . 25.22 -5.79 -21.79
C18 OLA N . 24.24 -6.49 -22.71
C1 OLA O . 15.15 0.45 -27.80
O1 OLA O . 14.03 0.83 -28.19
O2 OLA O . 16.18 0.82 -28.42
C2 OLA O . 15.28 -0.47 -26.61
C3 OLA O . 16.75 -0.76 -26.34
C4 OLA O . 17.00 -2.26 -26.20
C5 OLA O . 18.35 -2.51 -25.51
C6 OLA O . 19.11 -3.65 -26.20
C7 OLA O . 19.11 -4.92 -25.35
C8 OLA O . 19.70 -4.69 -23.96
C9 OLA O . 20.35 -5.96 -23.49
C10 OLA O . 20.54 -6.25 -22.07
C11 OLA O . 21.04 -5.18 -21.13
C12 OLA O . 21.20 -5.75 -19.73
C13 OLA O . 22.20 -6.90 -19.72
C14 OLA O . 22.02 -7.77 -18.47
C15 OLA O . 23.20 -8.71 -18.30
C16 OLA O . 23.39 -9.60 -19.53
C17 OLA O . 24.29 -10.78 -19.23
C18 OLA O . 24.47 -11.65 -20.47
O1 P6G P . 15.10 -17.43 -5.57
C2 P6G P . 15.84 -16.25 -5.91
C3 P6G P . 15.51 -15.85 -7.35
O4 P6G P . 15.57 -17.00 -8.18
C5 P6G P . 15.10 -16.72 -9.49
C6 P6G P . 14.91 -18.02 -10.26
O7 P6G P . 14.09 -18.91 -9.50
C8 P6G P . 13.13 -19.56 -10.32
C9 P6G P . 12.53 -20.77 -9.62
O10 P6G P . 12.27 -20.47 -8.25
C11 P6G P . 11.33 -21.40 -7.71
C12 P6G P . 11.53 -21.56 -6.20
O13 P6G P . 11.67 -20.27 -5.58
C14 P6G P . 11.36 -20.34 -4.19
C15 P6G P . 12.12 -19.28 -3.43
O16 P6G P . 11.99 -18.01 -4.06
C17 P6G P . 12.59 -16.98 -3.30
C18 P6G P . 12.72 -15.71 -4.15
O19 P6G P . 11.43 -15.36 -4.67
C18 OLC Q . 10.89 -0.80 -10.69
C10 OLC Q . 17.85 -4.26 -5.55
C9 OLC Q . 18.83 -3.82 -4.76
C17 OLC Q . 11.83 0.22 -10.08
C11 OLC Q . 16.51 -3.57 -5.60
C8 OLC Q . 18.64 -2.61 -3.87
C24 OLC Q . 21.02 -12.44 2.80
C16 OLC Q . 13.21 -0.37 -9.86
C12 OLC Q . 16.16 -3.27 -7.06
C7 OLC Q . 19.46 -2.78 -2.59
C15 OLC Q . 13.23 -1.35 -8.70
C13 OLC Q . 14.78 -2.62 -7.17
C6 OLC Q . 18.64 -3.40 -1.46
C14 OLC Q . 14.59 -2.02 -8.56
C5 OLC Q . 19.54 -3.88 -0.33
C4 OLC Q . 18.72 -4.39 0.85
C3 OLC Q . 19.58 -5.18 1.84
C2 OLC Q . 20.16 -6.43 1.18
C21 OLC Q . 20.71 -9.98 2.65
C1 OLC Q . 20.38 -7.53 2.18
C22 OLC Q . 20.51 -11.31 1.93
O19 OLC Q . 20.45 -7.29 3.39
O25 OLC Q . 22.43 -12.28 3.05
O23 OLC Q . 19.12 -11.50 1.65
O20 OLC Q . 20.49 -8.92 1.73
O1 PG6 R . -9.73 40.68 -37.50
C2 PG6 R . -10.10 41.44 -36.35
C3 PG6 R . -10.69 42.77 -36.80
O2 PG6 R . -11.82 42.52 -37.62
C4 PG6 R . -12.20 43.68 -38.37
C5 PG6 R . -13.44 43.35 -39.21
O3 PG6 R . -13.21 42.15 -39.94
C6 PG6 R . -14.40 41.72 -40.62
C7 PG6 R . -14.16 40.35 -41.23
O4 PG6 R . -15.39 39.86 -41.78
#